data_5LEM
#
_entry.id   5LEM
#
_cell.length_a   69.430
_cell.length_b   169.950
_cell.length_c   95.970
_cell.angle_alpha   90.00
_cell.angle_beta   90.00
_cell.angle_gamma   90.00
#
_symmetry.space_group_name_H-M   'P 21 21 2'
#
loop_
_entity.id
_entity.type
_entity.pdbx_description
1 polymer DD_Off7_11_3G124
2 polymer 'Maltose-binding periplasmic protein'
3 polymer 'Green fluorescent protein'
4 water water
#
loop_
_entity_poly.entity_id
_entity_poly.type
_entity_poly.pdbx_seq_one_letter_code
_entity_poly.pdbx_strand_id
1 'polypeptide(L)'
;MRGSHHHHHHGSDLGKKLLEAARAGQDDEVRILMANGADVNAADNTGTTPLHLAAYSGHLEIVEVLLKHGADVDASDVFG
YTPLHLAAYWGHLEIVEVLLKNGADVNAMDSDGMTPLHLAAKWGYLEIVEVLLKHGALVKAKDKFGKTPKDLARDNGNQF
IYELLEKAELLEKLLLEAAREGHRDRVEEFIKRGADVNAADDVGVTPLHLAAQRGHLEIVEVLLKCGADVNAADLWGQTP
LHLAATAGHLEIVEVLLKNGADVNARDNIGHTPLHLAAWAGHLEIVEVLLKHGADVNAQDKFGKTPFDLAIDNGNEDIAE
VLQKAA
;
A
2 'polypeptide(L)'
;MRGSHHHHHHGSGSMKTEEGNLVIWINGDKGYNGLAEVGKKFEKDTGIKVTVEHPDKLEEKFPQVAATGDGPDIIFWAHD
RFGGYAQSGLLAEITPDKAFQDKLYPFTWDAVRYNGKLIAYPIAVEALSLIYNKDLLPNPPKTWEEIPALDKELKAKGKS
ALMFNLQEPYFTWPLIAADGGYAFKYENGKYDIKDVGVDNAGAKAGLTFLVDLIKNKHMNADTDYSIAEAAFNKGETAMT
INGPWAWSNIDTSKVNYGVTVLPTFKGQPSKPFVGVLSAGINAASPNKELAKEFLENYLLTDEGLEAVNKDKPLGAVALK
SYEEELAKDPRIAATMENAQKGEIMPNIPQMSAFWYAVRTAVINAASGRQTVDEALKDAQTGSGGTPGRPAAKLN
;
B
3 'polypeptide(L)'
;MRGSHHHHHHGSSKGEELFTGVVPILVELDGDVNGHKFSVSGEGEGDATYGKLTLKFICTTGKLPVPWPTLVTTF(CRO)
VQCFSRYPDHMKRHDFFKSAMPEGYVQERTIFFKDDGNYKTRAEVKFEGDTLVNRIELKGIDFKEDGNILGHKLEYNYNS
HNVYIMADKQKNGIKVNFKIRHNIEDGSVQLADHYQQNTPIGDGPVLLPDNHYLSTQSALSKDPNEKRDHMVLLEFVTAA
GITHGMDELYK
;
C
#
# COMPACT_ATOMS: atom_id res chain seq x y z
N HIS A 6 -6.12 21.21 -9.68
CA HIS A 6 -5.65 19.90 -9.24
C HIS A 6 -4.32 20.04 -8.50
N HIS A 7 -4.38 19.91 -7.17
CA HIS A 7 -3.22 20.05 -6.29
C HIS A 7 -2.70 21.48 -6.24
N HIS A 8 -2.44 21.97 -5.03
CA HIS A 8 -1.82 23.27 -4.80
C HIS A 8 -0.66 23.09 -3.82
N HIS A 9 0.01 24.19 -3.51
CA HIS A 9 1.04 24.17 -2.48
C HIS A 9 1.43 25.60 -2.11
N HIS A 10 0.44 26.44 -1.85
CA HIS A 10 0.67 27.84 -1.55
C HIS A 10 1.17 28.00 -0.11
N GLY A 11 1.38 29.25 0.29
CA GLY A 11 1.82 29.55 1.64
C GLY A 11 1.71 31.04 1.93
N SER A 12 0.96 31.39 2.97
CA SER A 12 0.73 32.79 3.30
C SER A 12 0.05 32.89 4.65
N ASP A 13 0.32 33.99 5.36
CA ASP A 13 -0.37 34.24 6.63
C ASP A 13 -1.86 34.41 6.40
N LEU A 14 -2.25 35.04 5.29
CA LEU A 14 -3.66 35.19 4.96
C LEU A 14 -4.34 33.87 4.65
N GLY A 15 -3.57 32.85 4.27
CA GLY A 15 -4.13 31.54 4.01
C GLY A 15 -4.38 30.76 5.29
N LYS A 16 -3.43 30.82 6.22
CA LYS A 16 -3.59 30.12 7.50
C LYS A 16 -4.85 30.61 8.20
N LYS A 17 -5.10 31.91 8.20
CA LYS A 17 -6.33 32.43 8.79
C LYS A 17 -7.56 31.85 8.09
N LEU A 18 -7.45 31.59 6.79
CA LEU A 18 -8.61 31.12 6.02
C LEU A 18 -8.90 29.65 6.30
N LEU A 19 -7.87 28.82 6.40
CA LEU A 19 -8.07 27.41 6.70
C LEU A 19 -8.73 27.24 8.07
N GLU A 20 -8.13 27.85 9.11
CA GLU A 20 -8.74 27.78 10.44
C GLU A 20 -10.16 28.29 10.43
N ALA A 21 -10.43 29.35 9.66
CA ALA A 21 -11.77 29.90 9.62
C ALA A 21 -12.75 28.93 8.97
N ALA A 22 -12.30 28.19 7.96
CA ALA A 22 -13.18 27.25 7.28
C ALA A 22 -13.38 25.97 8.08
N ARG A 23 -12.33 25.49 8.76
CA ARG A 23 -12.45 24.30 9.58
C ARG A 23 -13.51 24.51 10.67
N ALA A 24 -13.32 25.54 11.50
CA ALA A 24 -14.26 25.80 12.58
C ALA A 24 -15.67 26.13 12.07
N GLY A 25 -15.81 26.43 10.78
CA GLY A 25 -17.12 26.69 10.22
C GLY A 25 -17.65 28.09 10.43
N GLN A 26 -16.78 29.07 10.65
CA GLN A 26 -17.21 30.46 10.80
C GLN A 26 -17.46 31.02 9.41
N ASP A 27 -18.70 30.89 8.94
CA ASP A 27 -19.03 31.26 7.57
C ASP A 27 -18.64 32.69 7.27
N ASP A 28 -19.05 33.62 8.14
CA ASP A 28 -18.85 35.04 7.86
C ASP A 28 -17.37 35.38 7.74
N GLU A 29 -16.56 34.98 8.74
CA GLU A 29 -15.14 35.33 8.71
C GLU A 29 -14.44 34.77 7.49
N VAL A 30 -14.97 33.68 6.92
CA VAL A 30 -14.44 33.19 5.65
C VAL A 30 -14.74 34.19 4.55
N ARG A 31 -15.94 34.76 4.54
CA ARG A 31 -16.31 35.71 3.50
C ARG A 31 -15.47 36.98 3.57
N ILE A 32 -15.25 37.50 4.79
CA ILE A 32 -14.44 38.69 4.94
C ILE A 32 -13.02 38.45 4.41
N LEU A 33 -12.50 37.25 4.64
CA LEU A 33 -11.17 36.92 4.15
C LEU A 33 -11.13 36.85 2.63
N MET A 34 -12.24 36.45 1.99
CA MET A 34 -12.31 36.50 0.53
C MET A 34 -12.08 37.91 0.02
N ALA A 35 -12.85 38.86 0.55
CA ALA A 35 -12.71 40.26 0.12
C ALA A 35 -11.39 40.84 0.60
N ASN A 36 -10.90 40.43 1.77
CA ASN A 36 -9.69 40.99 2.34
C ASN A 36 -8.41 40.48 1.68
N GLY A 37 -8.53 39.61 0.67
CA GLY A 37 -7.38 39.18 -0.11
C GLY A 37 -6.93 37.75 0.12
N ALA A 38 -7.56 37.01 1.01
CA ALA A 38 -7.16 35.63 1.26
C ALA A 38 -7.33 34.82 -0.03
N ASP A 39 -6.48 33.80 -0.18
CA ASP A 39 -6.48 32.97 -1.38
C ASP A 39 -7.45 31.81 -1.19
N VAL A 40 -8.42 31.70 -2.11
CA VAL A 40 -9.40 30.61 -2.03
C VAL A 40 -8.70 29.27 -2.12
N ASN A 41 -7.64 29.19 -2.92
CA ASN A 41 -6.89 27.96 -3.14
C ASN A 41 -5.63 27.87 -2.28
N ALA A 42 -5.69 28.43 -1.07
CA ALA A 42 -4.53 28.39 -0.18
C ALA A 42 -4.31 26.97 0.33
N ALA A 43 -3.06 26.51 0.28
CA ALA A 43 -2.70 25.20 0.79
C ALA A 43 -1.65 25.37 1.88
N ASP A 44 -1.73 24.50 2.90
CA ASP A 44 -0.81 24.58 4.02
C ASP A 44 0.35 23.61 3.82
N ASN A 45 0.96 23.16 4.92
CA ASN A 45 2.11 22.26 4.84
C ASN A 45 1.72 20.98 4.11
N THR A 46 0.59 20.37 4.48
CA THR A 46 0.18 19.08 3.96
C THR A 46 -0.69 19.19 2.71
N GLY A 47 -0.79 20.36 2.10
CA GLY A 47 -1.61 20.52 0.91
C GLY A 47 -3.09 20.57 1.17
N THR A 48 -3.51 20.86 2.40
CA THR A 48 -4.93 20.96 2.72
C THR A 48 -5.43 22.36 2.38
N THR A 49 -6.55 22.43 1.66
CA THR A 49 -7.14 23.69 1.25
C THR A 49 -8.41 23.97 2.04
N PRO A 50 -8.91 25.20 2.03
CA PRO A 50 -10.16 25.48 2.76
C PRO A 50 -11.32 24.63 2.31
N LEU A 51 -11.30 24.14 1.06
CA LEU A 51 -12.38 23.28 0.58
C LEU A 51 -12.32 21.91 1.25
N HIS A 52 -11.11 21.39 1.49
CA HIS A 52 -10.97 20.15 2.23
C HIS A 52 -11.60 20.27 3.62
N LEU A 53 -11.17 21.27 4.39
CA LEU A 53 -11.67 21.43 5.75
C LEU A 53 -13.16 21.75 5.76
N ALA A 54 -13.66 22.45 4.73
CA ALA A 54 -15.08 22.77 4.69
C ALA A 54 -15.91 21.56 4.31
N ALA A 55 -15.35 20.65 3.52
CA ALA A 55 -16.09 19.45 3.12
C ALA A 55 -16.20 18.45 4.27
N TYR A 56 -15.11 18.27 5.02
CA TYR A 56 -15.13 17.34 6.14
C TYR A 56 -15.90 17.92 7.32
N SER A 57 -15.87 19.23 7.50
CA SER A 57 -16.58 19.86 8.61
C SER A 57 -18.10 19.86 8.40
N GLY A 58 -18.56 19.72 7.16
CA GLY A 58 -19.98 19.65 6.88
C GLY A 58 -20.69 20.98 6.75
N HIS A 59 -19.95 22.07 6.53
CA HIS A 59 -20.56 23.40 6.41
C HIS A 59 -20.83 23.66 4.93
N LEU A 60 -22.01 23.23 4.48
CA LEU A 60 -22.37 23.37 3.07
C LEU A 60 -22.28 24.83 2.63
N GLU A 61 -22.63 25.76 3.52
CA GLU A 61 -22.54 27.17 3.19
C GLU A 61 -21.14 27.53 2.70
N ILE A 62 -20.13 27.12 3.47
CA ILE A 62 -18.75 27.45 3.10
C ILE A 62 -18.36 26.76 1.81
N VAL A 63 -18.75 25.50 1.63
CA VAL A 63 -18.40 24.76 0.43
C VAL A 63 -18.92 25.48 -0.80
N GLU A 64 -20.22 25.82 -0.80
CA GLU A 64 -20.83 26.49 -1.93
C GLU A 64 -20.06 27.76 -2.30
N VAL A 65 -19.73 28.58 -1.30
CA VAL A 65 -19.06 29.85 -1.57
C VAL A 65 -17.72 29.61 -2.24
N LEU A 66 -16.91 28.71 -1.68
CA LEU A 66 -15.57 28.48 -2.23
C LEU A 66 -15.63 27.98 -3.67
N LEU A 67 -16.66 27.19 -4.01
CA LEU A 67 -16.82 26.76 -5.39
C LEU A 67 -17.14 27.93 -6.30
N LYS A 68 -18.02 28.82 -5.84
CA LYS A 68 -18.35 30.01 -6.63
C LYS A 68 -17.12 30.87 -6.87
N HIS A 69 -16.30 31.06 -5.84
CA HIS A 69 -15.14 31.93 -5.97
C HIS A 69 -14.07 31.33 -6.89
N GLY A 70 -13.97 30.01 -6.94
CA GLY A 70 -13.03 29.37 -7.84
C GLY A 70 -12.12 28.36 -7.17
N ALA A 71 -12.64 27.66 -6.17
CA ALA A 71 -11.86 26.61 -5.52
C ALA A 71 -11.68 25.42 -6.44
N ASP A 72 -10.53 24.74 -6.29
CA ASP A 72 -10.23 23.56 -7.09
C ASP A 72 -11.01 22.38 -6.54
N VAL A 73 -12.01 21.91 -7.29
CA VAL A 73 -12.87 20.85 -6.81
C VAL A 73 -12.11 19.54 -6.69
N ASP A 74 -11.08 19.33 -7.52
CA ASP A 74 -10.30 18.11 -7.53
C ASP A 74 -8.94 18.28 -6.87
N ALA A 75 -8.83 19.20 -5.91
CA ALA A 75 -7.56 19.42 -5.22
C ALA A 75 -7.19 18.17 -4.43
N SER A 76 -5.99 17.64 -4.70
CA SER A 76 -5.51 16.42 -4.08
C SER A 76 -4.42 16.78 -3.07
N ASP A 77 -4.71 16.59 -1.79
CA ASP A 77 -3.72 16.83 -0.75
C ASP A 77 -2.59 15.81 -0.89
N VAL A 78 -1.66 15.82 0.07
CA VAL A 78 -0.47 14.97 -0.04
C VAL A 78 -0.84 13.50 -0.07
N PHE A 79 -1.90 13.12 0.63
CA PHE A 79 -2.32 11.73 0.72
C PHE A 79 -3.25 11.32 -0.41
N GLY A 80 -3.50 12.20 -1.37
CA GLY A 80 -4.38 11.89 -2.48
C GLY A 80 -5.85 12.18 -2.21
N TYR A 81 -6.21 12.54 -0.98
CA TYR A 81 -7.59 12.86 -0.67
C TYR A 81 -8.01 14.15 -1.37
N THR A 82 -9.26 14.18 -1.81
CA THR A 82 -9.87 15.34 -2.43
C THR A 82 -11.05 15.76 -1.58
N PRO A 83 -11.68 16.90 -1.88
CA PRO A 83 -12.92 17.25 -1.16
C PRO A 83 -13.98 16.18 -1.24
N LEU A 84 -13.95 15.33 -2.27
CA LEU A 84 -14.95 14.27 -2.42
C LEU A 84 -14.65 13.11 -1.49
N HIS A 85 -13.37 12.76 -1.29
CA HIS A 85 -13.02 11.74 -0.31
C HIS A 85 -13.53 12.12 1.07
N LEU A 86 -13.10 13.29 1.57
CA LEU A 86 -13.51 13.72 2.90
C LEU A 86 -15.03 13.83 3.00
N ALA A 87 -15.66 14.44 2.00
CA ALA A 87 -17.11 14.56 2.00
C ALA A 87 -17.80 13.21 2.02
N ALA A 88 -17.10 12.14 1.63
CA ALA A 88 -17.65 10.78 1.65
C ALA A 88 -17.23 10.00 2.89
N TYR A 89 -15.97 10.12 3.31
CA TYR A 89 -15.53 9.46 4.53
C TYR A 89 -16.31 9.92 5.75
N TRP A 90 -16.89 11.12 5.70
CA TRP A 90 -17.61 11.69 6.84
C TRP A 90 -19.12 11.76 6.59
N GLY A 91 -19.61 11.18 5.50
CA GLY A 91 -21.04 11.07 5.28
C GLY A 91 -21.77 12.40 5.24
N HIS A 92 -21.36 13.29 4.34
CA HIS A 92 -22.04 14.56 4.11
C HIS A 92 -22.69 14.49 2.74
N LEU A 93 -23.85 13.83 2.69
CA LEU A 93 -24.56 13.66 1.42
C LEU A 93 -24.75 14.99 0.71
N GLU A 94 -25.14 16.03 1.45
CA GLU A 94 -25.40 17.32 0.82
C GLU A 94 -24.15 17.87 0.14
N ILE A 95 -22.97 17.53 0.65
CA ILE A 95 -21.72 18.04 0.08
C ILE A 95 -21.26 17.15 -1.08
N VAL A 96 -21.56 15.85 -1.03
CA VAL A 96 -21.19 14.98 -2.13
C VAL A 96 -21.98 15.31 -3.38
N GLU A 97 -23.13 15.97 -3.24
CA GLU A 97 -23.95 16.27 -4.41
C GLU A 97 -23.50 17.56 -5.10
N VAL A 98 -22.92 18.49 -4.36
CA VAL A 98 -22.51 19.76 -4.96
C VAL A 98 -21.14 19.62 -5.64
N LEU A 99 -20.23 18.88 -5.00
CA LEU A 99 -18.92 18.65 -5.62
C LEU A 99 -19.02 17.90 -6.93
N LEU A 100 -20.09 17.13 -7.12
CA LEU A 100 -20.29 16.41 -8.37
C LEU A 100 -20.90 17.31 -9.44
N LYS A 101 -21.82 18.19 -9.05
CA LYS A 101 -22.34 19.20 -9.98
C LYS A 101 -21.21 20.07 -10.50
N ASN A 102 -20.18 20.32 -9.68
CA ASN A 102 -19.04 21.13 -10.08
C ASN A 102 -17.93 20.31 -10.71
N GLY A 103 -18.27 19.20 -11.37
CA GLY A 103 -17.29 18.43 -12.11
C GLY A 103 -16.12 17.95 -11.28
N ALA A 104 -16.38 17.07 -10.32
CA ALA A 104 -15.33 16.45 -9.52
C ALA A 104 -15.05 15.05 -10.03
N ASP A 105 -13.77 14.69 -10.10
CA ASP A 105 -13.39 13.35 -10.51
C ASP A 105 -14.08 12.33 -9.62
N VAL A 106 -15.04 11.60 -10.18
CA VAL A 106 -15.87 10.70 -9.37
C VAL A 106 -15.00 9.58 -8.80
N ASN A 107 -14.10 9.04 -9.62
CA ASN A 107 -13.23 7.93 -9.23
C ASN A 107 -11.81 8.45 -9.11
N ALA A 108 -11.52 9.10 -7.98
CA ALA A 108 -10.22 9.70 -7.73
C ALA A 108 -9.44 8.80 -6.76
N MET A 109 -8.44 8.10 -7.27
CA MET A 109 -7.58 7.30 -6.40
C MET A 109 -6.75 8.21 -5.51
N ASP A 110 -6.44 7.71 -4.31
CA ASP A 110 -5.57 8.41 -3.38
C ASP A 110 -4.24 7.67 -3.31
N SER A 111 -3.45 7.96 -2.27
CA SER A 111 -2.14 7.33 -2.14
C SER A 111 -2.26 5.81 -2.12
N ASP A 112 -3.32 5.29 -1.50
CA ASP A 112 -3.52 3.85 -1.37
C ASP A 112 -4.51 3.29 -2.39
N GLY A 113 -4.86 4.07 -3.41
CA GLY A 113 -5.76 3.60 -4.44
C GLY A 113 -7.24 3.62 -4.08
N MET A 114 -7.58 4.05 -2.87
CA MET A 114 -8.97 4.10 -2.45
C MET A 114 -9.69 5.23 -3.18
N THR A 115 -10.78 4.89 -3.87
CA THR A 115 -11.63 5.88 -4.51
C THR A 115 -12.73 6.31 -3.55
N PRO A 116 -13.47 7.37 -3.90
CA PRO A 116 -14.55 7.81 -2.99
C PRO A 116 -15.59 6.73 -2.74
N LEU A 117 -15.83 5.84 -3.70
CA LEU A 117 -16.82 4.79 -3.50
C LEU A 117 -16.36 3.79 -2.44
N HIS A 118 -15.10 3.38 -2.49
CA HIS A 118 -14.55 2.51 -1.45
C HIS A 118 -14.91 3.03 -0.07
N LEU A 119 -14.84 4.35 0.12
CA LEU A 119 -15.15 4.94 1.41
C LEU A 119 -16.65 4.88 1.70
N ALA A 120 -17.47 5.21 0.70
CA ALA A 120 -18.92 5.14 0.88
C ALA A 120 -19.38 3.72 1.18
N ALA A 121 -18.58 2.72 0.80
CA ALA A 121 -18.92 1.33 1.06
C ALA A 121 -18.43 0.87 2.44
N LYS A 122 -17.19 1.21 2.78
CA LYS A 122 -16.63 0.79 4.06
C LYS A 122 -17.54 1.15 5.22
N TRP A 123 -18.01 2.39 5.25
CA TRP A 123 -18.84 2.87 6.35
C TRP A 123 -20.33 2.66 6.10
N GLY A 124 -20.73 2.40 4.87
CA GLY A 124 -22.12 2.04 4.60
C GLY A 124 -23.07 3.19 4.45
N TYR A 125 -22.66 4.26 3.77
CA TYR A 125 -23.54 5.39 3.50
C TYR A 125 -24.33 5.07 2.24
N LEU A 126 -25.46 4.39 2.41
CA LEU A 126 -26.28 4.00 1.27
C LEU A 126 -26.58 5.20 0.38
N GLU A 127 -26.78 6.36 0.99
CA GLU A 127 -27.11 7.56 0.23
C GLU A 127 -25.97 7.93 -0.73
N ILE A 128 -24.78 8.17 -0.18
CA ILE A 128 -23.64 8.59 -0.99
C ILE A 128 -23.34 7.56 -2.07
N VAL A 129 -23.54 6.28 -1.79
CA VAL A 129 -23.22 5.22 -2.74
C VAL A 129 -24.02 5.46 -4.02
N GLU A 130 -25.34 5.29 -3.94
CA GLU A 130 -26.18 5.44 -5.12
C GLU A 130 -25.92 6.76 -5.85
N VAL A 131 -25.50 7.80 -5.11
CA VAL A 131 -25.17 9.07 -5.74
C VAL A 131 -23.91 8.92 -6.59
N LEU A 132 -22.85 8.36 -6.02
CA LEU A 132 -21.62 8.15 -6.78
C LEU A 132 -21.84 7.21 -7.95
N LEU A 133 -22.71 6.21 -7.80
CA LEU A 133 -22.96 5.28 -8.88
C LEU A 133 -23.66 5.96 -10.06
N LYS A 134 -24.58 6.88 -9.77
CA LYS A 134 -25.32 7.53 -10.85
C LYS A 134 -24.41 8.43 -11.69
N HIS A 135 -23.38 9.02 -11.08
CA HIS A 135 -22.48 9.91 -11.79
C HIS A 135 -21.31 9.17 -12.44
N GLY A 136 -21.46 7.87 -12.70
CA GLY A 136 -20.49 7.13 -13.48
C GLY A 136 -19.41 6.44 -12.69
N ALA A 137 -19.49 6.43 -11.36
CA ALA A 137 -18.49 5.73 -10.55
C ALA A 137 -18.43 4.26 -10.94
N LEU A 138 -17.37 3.85 -11.62
CA LEU A 138 -17.23 2.46 -12.00
C LEU A 138 -17.19 1.58 -10.75
N VAL A 139 -17.85 0.42 -10.85
CA VAL A 139 -18.01 -0.44 -9.68
C VAL A 139 -16.72 -1.19 -9.36
N LYS A 140 -16.07 -1.73 -10.38
CA LYS A 140 -14.90 -2.59 -10.18
C LYS A 140 -13.63 -1.75 -10.02
N ALA A 141 -13.65 -0.89 -9.01
CA ALA A 141 -12.50 -0.04 -8.69
C ALA A 141 -11.63 -0.75 -7.65
N LYS A 142 -10.43 -1.13 -8.07
CA LYS A 142 -9.51 -1.87 -7.21
C LYS A 142 -8.39 -0.95 -6.74
N ASP A 143 -7.99 -1.11 -5.48
CA ASP A 143 -6.97 -0.27 -4.87
C ASP A 143 -5.65 -1.06 -4.78
N LYS A 144 -4.75 -0.62 -3.89
CA LYS A 144 -3.48 -1.30 -3.71
C LYS A 144 -3.69 -2.76 -3.32
N PHE A 145 -4.63 -3.02 -2.41
CA PHE A 145 -4.91 -4.37 -1.93
C PHE A 145 -5.94 -5.10 -2.77
N GLY A 146 -6.28 -4.57 -3.95
CA GLY A 146 -7.23 -5.21 -4.82
C GLY A 146 -8.62 -5.38 -4.24
N LYS A 147 -8.96 -4.59 -3.23
CA LYS A 147 -10.27 -4.70 -2.57
C LYS A 147 -11.24 -3.73 -3.25
N THR A 148 -12.15 -4.27 -4.06
CA THR A 148 -13.19 -3.46 -4.67
C THR A 148 -14.14 -2.95 -3.58
N PRO A 149 -15.02 -2.01 -3.92
CA PRO A 149 -16.03 -1.59 -2.94
C PRO A 149 -16.84 -2.76 -2.40
N LYS A 150 -17.12 -3.75 -3.23
CA LYS A 150 -17.81 -4.96 -2.76
C LYS A 150 -16.93 -5.70 -1.75
N ASP A 151 -15.72 -6.05 -2.16
CA ASP A 151 -14.81 -6.77 -1.28
C ASP A 151 -14.53 -6.02 0.01
N LEU A 152 -14.85 -4.72 0.05
CA LEU A 152 -14.63 -3.92 1.24
C LEU A 152 -15.89 -3.70 2.06
N ALA A 153 -17.06 -3.72 1.42
CA ALA A 153 -18.31 -3.57 2.15
C ALA A 153 -18.58 -4.78 3.03
N ARG A 154 -18.26 -5.98 2.53
CA ARG A 154 -18.47 -7.20 3.31
C ARG A 154 -17.55 -7.26 4.52
N ASP A 155 -16.30 -6.84 4.35
CA ASP A 155 -15.33 -6.88 5.44
C ASP A 155 -15.76 -6.03 6.64
N ASN A 156 -16.74 -5.15 6.48
CA ASN A 156 -17.20 -4.29 7.56
C ASN A 156 -18.66 -4.53 7.93
N GLY A 157 -19.34 -5.47 7.29
CA GLY A 157 -20.67 -5.85 7.70
C GLY A 157 -21.81 -5.06 7.11
N ASN A 158 -21.60 -4.41 5.96
CA ASN A 158 -22.65 -3.67 5.27
C ASN A 158 -23.18 -4.55 4.15
N GLN A 159 -24.17 -5.38 4.46
CA GLN A 159 -24.63 -6.40 3.52
C GLN A 159 -25.59 -5.83 2.48
N PHE A 160 -26.35 -4.79 2.81
CA PHE A 160 -27.22 -4.19 1.81
C PHE A 160 -26.41 -3.48 0.73
N ILE A 161 -25.23 -2.97 1.08
CA ILE A 161 -24.34 -2.40 0.08
C ILE A 161 -23.78 -3.51 -0.81
N TYR A 162 -23.31 -4.60 -0.19
CA TYR A 162 -22.76 -5.73 -0.94
C TYR A 162 -23.69 -6.14 -2.07
N GLU A 163 -24.97 -6.34 -1.76
CA GLU A 163 -25.92 -6.81 -2.76
C GLU A 163 -26.11 -5.76 -3.86
N LEU A 164 -26.29 -4.50 -3.48
CA LEU A 164 -26.48 -3.45 -4.48
C LEU A 164 -25.27 -3.31 -5.39
N LEU A 165 -24.08 -3.68 -4.91
CA LEU A 165 -22.88 -3.63 -5.74
C LEU A 165 -22.78 -4.84 -6.64
N GLU A 166 -22.83 -6.05 -6.07
CA GLU A 166 -22.79 -7.25 -6.87
C GLU A 166 -23.93 -7.27 -7.89
N LYS A 167 -25.06 -6.65 -7.55
CA LYS A 167 -26.16 -6.53 -8.49
C LYS A 167 -25.82 -5.56 -9.62
N ALA A 168 -24.87 -4.65 -9.40
CA ALA A 168 -24.40 -3.74 -10.44
C ALA A 168 -23.29 -4.38 -11.27
N GLU A 169 -22.31 -5.02 -10.61
CA GLU A 169 -21.30 -5.76 -11.34
C GLU A 169 -21.93 -6.78 -12.29
N LEU A 170 -23.04 -7.37 -11.87
CA LEU A 170 -23.73 -8.34 -12.73
C LEU A 170 -24.26 -7.66 -13.99
N LEU A 171 -24.94 -6.52 -13.82
CA LEU A 171 -25.45 -5.79 -14.97
C LEU A 171 -24.36 -5.50 -15.99
N GLU A 172 -23.18 -5.08 -15.53
CA GLU A 172 -22.09 -4.77 -16.44
C GLU A 172 -21.70 -6.00 -17.27
N LYS A 173 -21.54 -7.14 -16.61
CA LYS A 173 -21.20 -8.36 -17.33
C LYS A 173 -22.24 -8.69 -18.39
N LEU A 174 -23.52 -8.48 -18.07
CA LEU A 174 -24.57 -8.71 -19.06
C LEU A 174 -24.45 -7.73 -20.23
N LEU A 175 -23.99 -6.52 -19.97
CA LEU A 175 -23.82 -5.55 -21.05
C LEU A 175 -22.77 -6.02 -22.06
N LEU A 176 -21.68 -6.61 -21.57
CA LEU A 176 -20.69 -7.17 -22.48
C LEU A 176 -21.25 -8.36 -23.24
N GLU A 177 -21.92 -9.27 -22.54
CA GLU A 177 -22.49 -10.44 -23.20
C GLU A 177 -23.48 -10.04 -24.28
N ALA A 178 -24.27 -8.99 -24.03
CA ALA A 178 -25.20 -8.50 -25.03
C ALA A 178 -24.45 -7.92 -26.23
N ALA A 179 -23.44 -7.09 -25.97
CA ALA A 179 -22.65 -6.51 -27.06
C ALA A 179 -21.87 -7.60 -27.80
N ARG A 180 -21.39 -8.61 -27.08
CA ARG A 180 -20.65 -9.69 -27.73
C ARG A 180 -21.55 -10.47 -28.68
N GLU A 181 -22.72 -10.88 -28.20
CA GLU A 181 -23.65 -11.65 -29.03
C GLU A 181 -24.43 -10.76 -30.00
N GLY A 182 -24.60 -9.49 -29.67
CA GLY A 182 -25.19 -8.53 -30.58
C GLY A 182 -26.67 -8.27 -30.41
N HIS A 183 -27.19 -8.38 -29.19
CA HIS A 183 -28.62 -8.15 -28.94
C HIS A 183 -28.83 -6.68 -28.66
N ARG A 184 -29.48 -5.97 -29.59
CA ARG A 184 -29.66 -4.52 -29.44
C ARG A 184 -30.63 -4.20 -28.31
N ASP A 185 -31.68 -5.01 -28.15
CA ASP A 185 -32.68 -4.71 -27.14
C ASP A 185 -32.14 -4.98 -25.73
N ARG A 186 -31.41 -6.09 -25.54
CA ARG A 186 -30.82 -6.36 -24.24
C ARG A 186 -29.83 -5.27 -23.84
N VAL A 187 -28.98 -4.84 -24.78
CA VAL A 187 -27.98 -3.83 -24.46
C VAL A 187 -28.66 -2.51 -24.11
N GLU A 188 -29.86 -2.26 -24.63
CA GLU A 188 -30.59 -1.05 -24.26
C GLU A 188 -31.17 -1.18 -22.86
N GLU A 189 -31.67 -2.36 -22.50
CA GLU A 189 -32.19 -2.58 -21.16
C GLU A 189 -31.14 -2.30 -20.10
N PHE A 190 -29.94 -2.85 -20.28
CA PHE A 190 -28.92 -2.78 -19.25
C PHE A 190 -28.41 -1.34 -19.06
N ILE A 191 -28.26 -0.60 -20.16
CA ILE A 191 -27.87 0.80 -20.04
C ILE A 191 -28.92 1.58 -19.25
N LYS A 192 -30.20 1.29 -19.50
CA LYS A 192 -31.27 1.98 -18.80
C LYS A 192 -31.35 1.58 -17.33
N ARG A 193 -30.72 0.47 -16.94
CA ARG A 193 -30.74 0.02 -15.55
C ARG A 193 -29.52 0.46 -14.77
N GLY A 194 -28.61 1.20 -15.37
CA GLY A 194 -27.46 1.72 -14.65
C GLY A 194 -26.19 0.90 -14.86
N ALA A 195 -25.95 0.48 -16.10
CA ALA A 195 -24.76 -0.27 -16.46
C ALA A 195 -23.74 0.68 -17.07
N ASP A 196 -22.61 0.86 -16.39
CA ASP A 196 -21.58 1.77 -16.88
C ASP A 196 -21.11 1.32 -18.26
N VAL A 197 -21.24 2.21 -19.24
CA VAL A 197 -20.84 1.87 -20.61
C VAL A 197 -19.34 1.64 -20.69
N ASN A 198 -18.56 2.33 -19.85
CA ASN A 198 -17.11 2.15 -19.82
C ASN A 198 -16.69 1.12 -18.78
N ALA A 199 -17.47 0.05 -18.62
CA ALA A 199 -17.14 -1.01 -17.70
C ALA A 199 -16.22 -2.00 -18.39
N ALA A 200 -15.01 -2.16 -17.84
CA ALA A 200 -13.99 -3.04 -18.40
C ALA A 200 -13.86 -4.26 -17.51
N ASP A 201 -14.02 -5.44 -18.08
CA ASP A 201 -13.86 -6.68 -17.33
C ASP A 201 -12.40 -6.84 -16.90
N ASP A 202 -12.13 -7.90 -16.17
CA ASP A 202 -10.80 -8.13 -15.60
C ASP A 202 -9.69 -8.12 -16.66
N VAL A 203 -10.04 -8.21 -17.95
CA VAL A 203 -9.06 -8.18 -19.02
C VAL A 203 -9.00 -6.82 -19.72
N GLY A 204 -9.76 -5.83 -19.24
CA GLY A 204 -9.67 -4.50 -19.79
C GLY A 204 -10.46 -4.26 -21.06
N VAL A 205 -11.38 -5.16 -21.41
CA VAL A 205 -12.21 -5.01 -22.60
C VAL A 205 -13.56 -4.42 -22.20
N THR A 206 -14.05 -3.51 -23.03
CA THR A 206 -15.36 -2.88 -22.83
C THR A 206 -16.32 -3.34 -23.90
N PRO A 207 -17.63 -3.14 -23.70
CA PRO A 207 -18.60 -3.48 -24.75
C PRO A 207 -18.36 -2.75 -26.08
N LEU A 208 -17.47 -1.77 -26.11
CA LEU A 208 -17.17 -1.09 -27.37
C LEU A 208 -16.28 -1.94 -28.27
N HIS A 209 -15.27 -2.59 -27.70
CA HIS A 209 -14.47 -3.55 -28.47
C HIS A 209 -15.36 -4.63 -29.06
N LEU A 210 -16.26 -5.19 -28.25
CA LEU A 210 -17.04 -6.34 -28.66
C LEU A 210 -17.96 -6.00 -29.82
N ALA A 211 -18.61 -4.83 -29.77
CA ALA A 211 -19.49 -4.42 -30.85
C ALA A 211 -18.72 -4.08 -32.12
N ALA A 212 -17.40 -3.87 -32.03
CA ALA A 212 -16.60 -3.52 -33.18
C ALA A 212 -15.95 -4.74 -33.84
N GLN A 213 -15.43 -5.67 -33.04
CA GLN A 213 -14.78 -6.85 -33.62
C GLN A 213 -15.80 -7.80 -34.24
N ARG A 214 -16.99 -7.91 -33.64
CA ARG A 214 -18.02 -8.82 -34.14
C ARG A 214 -18.87 -8.22 -35.24
N GLY A 215 -18.82 -6.90 -35.44
CA GLY A 215 -19.52 -6.27 -36.54
C GLY A 215 -20.97 -5.93 -36.25
N HIS A 216 -21.31 -5.64 -35.00
CA HIS A 216 -22.68 -5.26 -34.63
C HIS A 216 -22.80 -3.73 -34.63
N LEU A 217 -22.84 -3.20 -35.85
CA LEU A 217 -22.86 -1.75 -36.04
C LEU A 217 -23.92 -1.08 -35.18
N GLU A 218 -25.14 -1.62 -35.21
CA GLU A 218 -26.26 -0.97 -34.52
C GLU A 218 -25.92 -0.68 -33.06
N ILE A 219 -25.19 -1.58 -32.41
CA ILE A 219 -24.87 -1.39 -30.99
C ILE A 219 -23.74 -0.40 -30.78
N VAL A 220 -22.89 -0.18 -31.78
CA VAL A 220 -21.70 0.65 -31.62
C VAL A 220 -22.10 2.07 -31.26
N GLU A 221 -22.75 2.77 -32.19
CA GLU A 221 -23.07 4.18 -31.96
C GLU A 221 -23.87 4.38 -30.69
N VAL A 222 -24.67 3.38 -30.29
CA VAL A 222 -25.43 3.49 -29.06
C VAL A 222 -24.48 3.59 -27.87
N LEU A 223 -23.40 2.81 -27.88
CA LEU A 223 -22.38 2.93 -26.85
C LEU A 223 -21.67 4.27 -26.93
N LEU A 224 -21.30 4.69 -28.14
CA LEU A 224 -20.64 5.99 -28.32
C LEU A 224 -21.57 7.13 -27.92
N LYS A 225 -22.83 7.07 -28.35
CA LYS A 225 -23.80 8.11 -27.99
C LYS A 225 -23.85 8.33 -26.49
N CYS A 226 -23.90 7.24 -25.72
CA CYS A 226 -23.95 7.33 -24.27
C CYS A 226 -22.58 7.57 -23.65
N GLY A 227 -21.53 7.72 -24.46
CA GLY A 227 -20.23 8.13 -23.96
C GLY A 227 -19.21 7.01 -23.84
N ALA A 228 -19.16 6.12 -24.83
CA ALA A 228 -18.20 5.04 -24.82
C ALA A 228 -16.83 5.55 -25.26
N ASP A 229 -15.80 5.24 -24.47
CA ASP A 229 -14.45 5.68 -24.76
C ASP A 229 -13.96 5.08 -26.07
N VAL A 230 -13.81 5.91 -27.10
CA VAL A 230 -13.40 5.42 -28.41
C VAL A 230 -12.00 4.84 -28.35
N ASN A 231 -11.14 5.44 -27.54
CA ASN A 231 -9.74 5.01 -27.42
C ASN A 231 -9.52 4.16 -26.19
N ALA A 232 -10.34 3.11 -26.04
CA ALA A 232 -10.22 2.18 -24.93
C ALA A 232 -9.27 1.05 -25.31
N ALA A 233 -8.34 0.74 -24.41
CA ALA A 233 -7.31 -0.25 -24.66
C ALA A 233 -7.44 -1.41 -23.69
N ASP A 234 -7.32 -2.63 -24.21
CA ASP A 234 -7.29 -3.83 -23.37
C ASP A 234 -5.86 -3.99 -22.83
N LEU A 235 -5.61 -5.11 -22.14
CA LEU A 235 -4.26 -5.38 -21.64
C LEU A 235 -3.24 -5.51 -22.76
N TRP A 236 -3.68 -5.67 -24.01
CA TRP A 236 -2.78 -5.77 -25.15
C TRP A 236 -2.71 -4.49 -25.96
N GLY A 237 -3.26 -3.39 -25.44
CA GLY A 237 -3.17 -2.11 -26.10
C GLY A 237 -4.01 -1.99 -27.35
N GLN A 238 -5.03 -2.82 -27.51
CA GLN A 238 -5.85 -2.83 -28.71
C GLN A 238 -7.06 -1.91 -28.54
N THR A 239 -7.36 -1.16 -29.60
CA THR A 239 -8.43 -0.19 -29.65
C THR A 239 -9.61 -0.73 -30.46
N PRO A 240 -10.84 -0.34 -30.14
CA PRO A 240 -11.96 -0.72 -31.01
C PRO A 240 -11.70 -0.45 -32.48
N LEU A 241 -10.86 0.55 -32.79
CA LEU A 241 -10.48 0.81 -34.17
C LEU A 241 -9.60 -0.31 -34.71
N HIS A 242 -8.69 -0.84 -33.89
CA HIS A 242 -7.89 -1.97 -34.31
C HIS A 242 -8.77 -3.15 -34.69
N LEU A 243 -9.69 -3.52 -33.80
CA LEU A 243 -10.54 -4.69 -34.04
C LEU A 243 -11.49 -4.47 -35.22
N ALA A 244 -11.87 -3.22 -35.48
CA ALA A 244 -12.70 -2.94 -36.65
C ALA A 244 -11.93 -3.19 -37.94
N ALA A 245 -10.62 -2.93 -37.95
CA ALA A 245 -9.80 -3.23 -39.13
C ALA A 245 -9.37 -4.68 -39.15
N THR A 246 -9.05 -5.25 -37.98
CA THR A 246 -8.70 -6.66 -37.91
C THR A 246 -9.79 -7.51 -38.57
N ALA A 247 -11.05 -7.31 -38.17
CA ALA A 247 -12.15 -8.06 -38.74
C ALA A 247 -12.52 -7.57 -40.14
N GLY A 248 -12.42 -6.27 -40.37
CA GLY A 248 -12.72 -5.71 -41.66
C GLY A 248 -14.14 -5.20 -41.82
N HIS A 249 -14.79 -4.81 -40.72
CA HIS A 249 -16.15 -4.27 -40.79
C HIS A 249 -16.06 -2.80 -41.15
N LEU A 250 -16.24 -2.51 -42.45
CA LEU A 250 -16.02 -1.15 -42.95
C LEU A 250 -16.89 -0.15 -42.21
N GLU A 251 -18.19 -0.40 -42.13
CA GLU A 251 -19.12 0.60 -41.60
C GLU A 251 -18.75 1.02 -40.19
N ILE A 252 -18.21 0.11 -39.37
CA ILE A 252 -17.85 0.47 -38.00
C ILE A 252 -16.58 1.30 -37.99
N VAL A 253 -15.67 1.08 -38.94
CA VAL A 253 -14.45 1.88 -39.01
C VAL A 253 -14.80 3.35 -39.21
N GLU A 254 -15.75 3.63 -40.10
CA GLU A 254 -16.15 5.01 -40.35
C GLU A 254 -16.68 5.66 -39.08
N VAL A 255 -17.62 4.97 -38.39
CA VAL A 255 -18.24 5.54 -37.21
C VAL A 255 -17.21 5.81 -36.13
N LEU A 256 -16.26 4.88 -35.95
CA LEU A 256 -15.26 5.05 -34.91
C LEU A 256 -14.39 6.28 -35.17
N LEU A 257 -13.98 6.48 -36.41
CA LEU A 257 -13.19 7.67 -36.75
C LEU A 257 -14.03 8.93 -36.62
N LYS A 258 -15.27 8.90 -37.12
CA LYS A 258 -16.14 10.07 -37.01
C LYS A 258 -16.30 10.52 -35.56
N ASN A 259 -16.26 9.58 -34.61
CA ASN A 259 -16.40 9.91 -33.20
C ASN A 259 -15.08 10.24 -32.53
N GLY A 260 -13.96 10.11 -33.24
CA GLY A 260 -12.67 10.52 -32.71
C GLY A 260 -11.75 9.36 -32.36
N ALA A 261 -11.72 8.34 -33.20
CA ALA A 261 -10.86 7.19 -32.97
C ALA A 261 -9.43 7.52 -33.38
N ASP A 262 -8.49 7.32 -32.46
CA ASP A 262 -7.09 7.59 -32.73
C ASP A 262 -6.59 6.69 -33.85
N VAL A 263 -6.10 7.30 -34.94
CA VAL A 263 -5.58 6.54 -36.07
C VAL A 263 -4.16 6.05 -35.81
N ASN A 264 -3.43 6.71 -34.92
CA ASN A 264 -2.04 6.34 -34.63
C ASN A 264 -1.93 5.34 -33.50
N ALA A 265 -3.05 4.80 -33.01
CA ALA A 265 -3.02 3.87 -31.90
C ALA A 265 -2.16 2.66 -32.26
N ARG A 266 -1.62 2.01 -31.22
CA ARG A 266 -0.75 0.86 -31.40
C ARG A 266 -1.02 -0.17 -30.31
N ASP A 267 -1.11 -1.44 -30.71
CA ASP A 267 -1.21 -2.50 -29.74
C ASP A 267 0.15 -2.72 -29.07
N ASN A 268 0.20 -3.69 -28.15
CA ASN A 268 1.42 -3.94 -27.41
C ASN A 268 2.56 -4.47 -28.28
N ILE A 269 2.30 -4.78 -29.56
CA ILE A 269 3.36 -5.13 -30.49
C ILE A 269 3.73 -3.89 -31.30
N GLY A 270 2.76 -3.00 -31.49
CA GLY A 270 3.01 -1.78 -32.24
C GLY A 270 2.35 -1.78 -33.61
N HIS A 271 1.09 -2.22 -33.69
CA HIS A 271 0.35 -2.29 -34.93
C HIS A 271 -0.66 -1.14 -34.95
N THR A 272 -0.60 -0.33 -35.99
CA THR A 272 -1.62 0.68 -36.20
C THR A 272 -2.85 0.04 -36.84
N PRO A 273 -4.01 0.72 -36.78
CA PRO A 273 -5.20 0.19 -37.45
C PRO A 273 -4.94 -0.11 -38.93
N LEU A 274 -3.94 0.58 -39.50
CA LEU A 274 -3.58 0.35 -40.88
C LEU A 274 -2.69 -0.88 -41.03
N HIS A 275 -1.84 -1.16 -40.03
CA HIS A 275 -1.06 -2.39 -40.06
C HIS A 275 -1.96 -3.61 -40.13
N LEU A 276 -3.14 -3.55 -39.49
CA LEU A 276 -4.02 -4.70 -39.42
C LEU A 276 -4.84 -4.86 -40.69
N ALA A 277 -5.35 -3.75 -41.23
CA ALA A 277 -6.14 -3.82 -42.47
C ALA A 277 -5.33 -4.44 -43.60
N ALA A 278 -4.06 -4.05 -43.73
CA ALA A 278 -3.20 -4.65 -44.75
C ALA A 278 -2.94 -6.12 -44.45
N TRP A 279 -2.75 -6.44 -43.17
CA TRP A 279 -2.50 -7.83 -42.78
C TRP A 279 -3.65 -8.74 -43.22
N ALA A 280 -4.86 -8.45 -42.75
CA ALA A 280 -6.02 -9.30 -42.98
C ALA A 280 -6.53 -9.24 -44.42
N GLY A 281 -5.83 -8.60 -45.35
CA GLY A 281 -6.28 -8.57 -46.73
C GLY A 281 -7.65 -7.94 -46.90
N HIS A 282 -7.77 -6.68 -46.47
CA HIS A 282 -9.02 -5.92 -46.61
C HIS A 282 -8.77 -4.81 -47.62
N LEU A 283 -9.24 -5.02 -48.85
CA LEU A 283 -8.96 -4.09 -49.93
C LEU A 283 -9.47 -2.69 -49.60
N GLU A 284 -10.71 -2.59 -49.13
CA GLU A 284 -11.32 -1.28 -48.95
C GLU A 284 -10.94 -0.64 -47.61
N ILE A 285 -10.81 -1.44 -46.55
CA ILE A 285 -10.48 -0.90 -45.24
C ILE A 285 -9.17 -0.11 -45.30
N VAL A 286 -8.24 -0.53 -46.15
CA VAL A 286 -6.95 0.15 -46.25
C VAL A 286 -7.15 1.56 -46.80
N GLU A 287 -7.96 1.70 -47.85
CA GLU A 287 -8.17 3.01 -48.47
C GLU A 287 -8.87 3.98 -47.53
N VAL A 288 -9.63 3.48 -46.55
CA VAL A 288 -10.35 4.36 -45.63
C VAL A 288 -9.39 4.96 -44.62
N LEU A 289 -8.51 4.15 -44.04
CA LEU A 289 -7.58 4.66 -43.04
C LEU A 289 -6.62 5.67 -43.64
N LEU A 290 -6.17 5.42 -44.88
CA LEU A 290 -5.35 6.39 -45.57
C LEU A 290 -6.14 7.68 -45.83
N LYS A 291 -7.41 7.54 -46.22
CA LYS A 291 -8.26 8.71 -46.45
C LYS A 291 -8.28 9.63 -45.25
N HIS A 292 -8.05 9.10 -44.05
CA HIS A 292 -8.07 9.89 -42.83
C HIS A 292 -6.67 10.26 -42.36
N GLY A 293 -5.66 10.12 -43.22
CA GLY A 293 -4.30 10.49 -42.87
C GLY A 293 -3.70 9.62 -41.80
N ALA A 294 -3.29 8.41 -42.18
CA ALA A 294 -2.63 7.47 -41.29
C ALA A 294 -1.15 7.38 -41.63
N ASP A 295 -0.31 7.23 -40.60
CA ASP A 295 1.12 7.14 -40.82
C ASP A 295 1.45 6.04 -41.82
N VAL A 296 1.92 6.43 -43.01
CA VAL A 296 2.15 5.48 -44.08
C VAL A 296 3.29 4.53 -43.73
N ASN A 297 4.33 5.05 -43.07
CA ASN A 297 5.52 4.25 -42.79
C ASN A 297 5.67 4.00 -41.29
N ALA A 298 4.60 3.53 -40.65
CA ALA A 298 4.67 3.18 -39.23
C ALA A 298 5.40 1.86 -39.08
N GLN A 299 6.32 1.80 -38.12
CA GLN A 299 7.12 0.61 -37.85
C GLN A 299 6.71 0.04 -36.50
N ASP A 300 6.30 -1.24 -36.50
CA ASP A 300 5.94 -1.92 -35.27
C ASP A 300 7.20 -2.22 -34.46
N LYS A 301 7.04 -3.00 -33.39
CA LYS A 301 8.18 -3.38 -32.56
C LYS A 301 9.24 -4.15 -33.35
N PHE A 302 8.89 -4.66 -34.53
CA PHE A 302 9.81 -5.42 -35.36
C PHE A 302 10.16 -4.71 -36.66
N GLY A 303 9.80 -3.42 -36.79
CA GLY A 303 10.18 -2.64 -37.95
C GLY A 303 9.68 -3.21 -39.26
N LYS A 304 8.36 -3.35 -39.40
CA LYS A 304 7.74 -3.79 -40.64
C LYS A 304 6.61 -2.83 -40.97
N THR A 305 6.66 -2.25 -42.16
CA THR A 305 5.63 -1.33 -42.60
C THR A 305 4.39 -2.09 -43.04
N PRO A 306 3.24 -1.41 -43.16
CA PRO A 306 2.05 -2.08 -43.70
C PRO A 306 2.30 -2.68 -45.07
N PHE A 307 3.18 -2.08 -45.87
CA PHE A 307 3.54 -2.65 -47.15
C PHE A 307 4.10 -4.05 -46.99
N ASP A 308 5.01 -4.24 -46.03
CA ASP A 308 5.65 -5.53 -45.86
C ASP A 308 4.64 -6.62 -45.52
N LEU A 309 3.72 -6.32 -44.60
CA LEU A 309 2.73 -7.33 -44.20
C LEU A 309 1.88 -7.79 -45.38
N ALA A 310 1.76 -6.94 -46.40
CA ALA A 310 0.99 -7.33 -47.59
C ALA A 310 1.74 -8.36 -48.42
N ILE A 311 3.04 -8.17 -48.61
CA ILE A 311 3.81 -9.07 -49.46
C ILE A 311 3.96 -10.43 -48.81
N ASP A 312 4.39 -10.45 -47.54
CA ASP A 312 4.61 -11.72 -46.86
C ASP A 312 3.38 -12.60 -46.87
N ASN A 313 2.19 -11.99 -46.82
CA ASN A 313 0.94 -12.72 -46.92
C ASN A 313 0.47 -12.90 -48.36
N GLY A 314 1.19 -12.32 -49.33
CA GLY A 314 0.81 -12.44 -50.73
C GLY A 314 -0.38 -11.58 -51.08
N ASN A 315 -0.36 -10.32 -50.65
CA ASN A 315 -1.46 -9.37 -50.89
C ASN A 315 -1.00 -8.42 -52.00
N GLU A 316 -1.37 -8.76 -53.24
CA GLU A 316 -0.95 -7.99 -54.40
C GLU A 316 -1.51 -6.58 -54.41
N ASP A 317 -2.82 -6.46 -54.66
CA ASP A 317 -3.42 -5.14 -54.91
C ASP A 317 -3.23 -4.21 -53.71
N ILE A 318 -3.43 -4.73 -52.50
CA ILE A 318 -3.31 -3.89 -51.31
C ILE A 318 -1.92 -3.27 -51.25
N ALA A 319 -0.90 -4.07 -51.53
CA ALA A 319 0.46 -3.56 -51.57
C ALA A 319 0.59 -2.41 -52.56
N GLU A 320 0.10 -2.60 -53.78
CA GLU A 320 0.17 -1.55 -54.80
C GLU A 320 -0.44 -0.25 -54.30
N VAL A 321 -1.68 -0.33 -53.80
CA VAL A 321 -2.38 0.86 -53.32
C VAL A 321 -1.49 1.64 -52.37
N LEU A 322 -0.79 0.94 -51.47
CA LEU A 322 0.05 1.63 -50.49
C LEU A 322 1.27 2.24 -51.15
N GLN A 323 1.94 1.49 -52.04
CA GLN A 323 3.13 2.02 -52.70
C GLN A 323 2.83 3.33 -53.42
N LYS A 324 1.62 3.48 -53.94
CA LYS A 324 1.26 4.73 -54.61
C LYS A 324 1.20 5.88 -53.62
N ALA A 325 0.44 5.72 -52.55
CA ALA A 325 0.31 6.77 -51.54
C ALA A 325 1.64 7.02 -50.84
N GLY B 20 29.95 11.87 58.71
CA GLY B 20 29.96 13.13 59.44
C GLY B 20 29.22 14.24 58.72
N ASN B 21 29.17 14.14 57.39
CA ASN B 21 28.49 15.15 56.57
C ASN B 21 27.97 14.48 55.32
N LEU B 22 26.84 14.98 54.82
CA LEU B 22 26.20 14.40 53.64
C LEU B 22 25.23 15.40 53.06
N VAL B 23 25.31 15.61 51.74
CA VAL B 23 24.45 16.53 51.02
C VAL B 23 23.68 15.74 49.97
N ILE B 24 22.58 16.33 49.50
CA ILE B 24 21.76 15.72 48.45
C ILE B 24 21.30 16.82 47.50
N TRP B 25 21.37 16.52 46.21
CA TRP B 25 20.80 17.38 45.17
C TRP B 25 19.49 16.80 44.68
N ILE B 26 18.60 17.68 44.23
CA ILE B 26 17.30 17.27 43.72
C ILE B 26 16.74 18.39 42.86
N ASN B 27 15.64 18.14 42.16
CA ASN B 27 14.99 19.17 41.36
C ASN B 27 13.99 19.94 42.20
N GLY B 28 13.50 21.04 41.65
CA GLY B 28 12.57 21.90 42.35
C GLY B 28 11.14 21.44 42.30
N ASP B 29 10.73 20.88 41.15
CA ASP B 29 9.34 20.47 41.00
C ASP B 29 8.97 19.36 41.98
N LYS B 30 9.92 18.47 42.30
CA LYS B 30 9.66 17.42 43.27
C LYS B 30 9.56 18.02 44.67
N GLY B 31 9.10 17.19 45.61
CA GLY B 31 8.91 17.64 46.98
C GLY B 31 10.18 17.62 47.81
N TYR B 32 10.92 18.73 47.80
CA TYR B 32 12.14 18.81 48.59
C TYR B 32 11.85 19.06 50.06
N ASN B 33 10.73 19.69 50.39
CA ASN B 33 10.41 19.99 51.77
C ASN B 33 10.29 18.70 52.59
N GLY B 34 9.45 17.76 52.14
CA GLY B 34 9.32 16.50 52.85
C GLY B 34 10.65 15.81 53.04
N LEU B 35 11.54 15.93 52.06
CA LEU B 35 12.87 15.33 52.19
C LEU B 35 13.65 15.92 53.35
N ALA B 36 13.44 17.22 53.64
CA ALA B 36 14.12 17.85 54.76
C ALA B 36 13.72 17.21 56.09
N GLU B 37 12.43 16.87 56.23
CA GLU B 37 11.97 16.22 57.45
C GLU B 37 12.62 14.85 57.63
N VAL B 38 12.87 14.14 56.53
CA VAL B 38 13.48 12.82 56.63
C VAL B 38 14.95 12.95 57.01
N GLY B 39 15.63 13.99 56.53
CA GLY B 39 17.01 14.23 56.90
C GLY B 39 17.18 14.66 58.33
N LYS B 40 16.13 15.19 58.96
CA LYS B 40 16.20 15.57 60.36
C LYS B 40 16.24 14.36 61.27
N LYS B 41 15.61 13.26 60.87
CA LYS B 41 15.61 12.05 61.68
C LYS B 41 16.93 11.29 61.56
N PHE B 42 17.57 11.33 60.39
CA PHE B 42 18.86 10.67 60.24
C PHE B 42 19.94 11.37 61.09
N GLU B 43 19.86 12.70 61.19
CA GLU B 43 20.76 13.43 62.06
C GLU B 43 20.39 13.28 63.53
N LYS B 44 19.16 12.83 63.82
CA LYS B 44 18.74 12.64 65.20
C LYS B 44 19.34 11.38 65.80
N ASP B 45 19.39 10.29 65.04
CA ASP B 45 19.75 9.00 65.61
C ASP B 45 21.26 8.79 65.66
N THR B 46 22.01 9.36 64.71
CA THR B 46 23.45 9.14 64.66
C THR B 46 24.26 10.43 64.49
N GLY B 47 23.61 11.58 64.37
CA GLY B 47 24.32 12.84 64.40
C GLY B 47 25.02 13.24 63.11
N ILE B 48 24.61 12.68 61.97
CA ILE B 48 25.18 13.06 60.68
C ILE B 48 24.41 14.26 60.15
N LYS B 49 25.14 15.31 59.77
CA LYS B 49 24.51 16.52 59.27
C LYS B 49 23.99 16.28 57.86
N VAL B 50 22.69 16.44 57.67
CA VAL B 50 22.03 16.27 56.37
C VAL B 50 21.59 17.63 55.86
N THR B 51 21.89 17.90 54.59
CA THR B 51 21.53 19.17 53.96
C THR B 51 21.10 18.89 52.52
N VAL B 52 20.16 19.70 52.04
CA VAL B 52 19.62 19.54 50.69
C VAL B 52 19.46 20.91 50.06
N GLU B 53 19.90 21.03 48.81
CA GLU B 53 19.64 22.21 48.00
C GLU B 53 19.46 21.77 46.55
N HIS B 54 18.60 22.48 45.83
CA HIS B 54 18.15 22.06 44.51
C HIS B 54 18.36 23.19 43.50
N PRO B 55 19.55 23.29 42.91
CA PRO B 55 19.75 24.24 41.80
C PRO B 55 19.34 23.61 40.47
N ASP B 56 18.52 24.33 39.71
CA ASP B 56 18.08 23.84 38.43
C ASP B 56 19.28 23.62 37.50
N LYS B 57 19.02 22.97 36.38
CA LYS B 57 20.07 22.62 35.41
C LYS B 57 21.17 21.80 36.07
N LEU B 58 20.82 21.04 37.11
CA LEU B 58 21.80 20.22 37.80
C LEU B 58 22.30 19.06 36.94
N GLU B 59 21.51 18.66 35.93
CA GLU B 59 21.95 17.57 35.05
C GLU B 59 23.17 17.99 34.25
N GLU B 60 23.23 19.25 33.82
CA GLU B 60 24.42 19.77 33.14
C GLU B 60 25.52 20.14 34.12
N LYS B 61 25.20 20.30 35.40
CA LYS B 61 26.17 20.69 36.41
C LYS B 61 26.86 19.50 37.05
N PHE B 62 26.31 18.30 36.91
CA PHE B 62 26.85 17.12 37.58
C PHE B 62 28.11 16.60 36.92
N PRO B 63 28.11 16.34 35.61
CA PRO B 63 29.31 15.75 34.99
C PRO B 63 30.55 16.61 35.14
N GLN B 64 30.39 17.93 35.19
CA GLN B 64 31.55 18.81 35.39
C GLN B 64 32.05 18.72 36.82
N VAL B 65 31.13 18.77 37.79
CA VAL B 65 31.52 18.71 39.19
C VAL B 65 31.93 17.30 39.59
N ALA B 66 31.49 16.28 38.84
CA ALA B 66 31.83 14.91 39.17
C ALA B 66 33.30 14.61 38.94
N ALA B 67 33.90 15.23 37.91
CA ALA B 67 35.32 15.03 37.65
C ALA B 67 36.16 15.54 38.80
N THR B 68 35.83 16.73 39.32
CA THR B 68 36.59 17.30 40.43
C THR B 68 36.40 16.51 41.72
N GLY B 69 35.36 15.69 41.81
CA GLY B 69 35.06 14.93 43.00
C GLY B 69 34.02 15.54 43.91
N ASP B 70 33.60 16.78 43.64
CA ASP B 70 32.61 17.44 44.49
C ASP B 70 31.21 16.97 44.07
N GLY B 71 30.19 17.58 44.64
CA GLY B 71 28.83 17.13 44.43
C GLY B 71 28.53 15.94 45.31
N PRO B 72 27.32 15.86 45.84
CA PRO B 72 27.01 14.82 46.84
C PRO B 72 27.04 13.42 46.27
N ASP B 73 26.81 12.43 47.13
CA ASP B 73 26.70 11.05 46.68
C ASP B 73 25.31 10.78 46.12
N ILE B 74 24.28 11.19 46.85
CA ILE B 74 22.90 10.94 46.45
C ILE B 74 22.47 11.98 45.42
N ILE B 75 21.95 11.52 44.30
CA ILE B 75 21.41 12.37 43.24
C ILE B 75 19.96 11.98 43.04
N PHE B 76 19.20 12.89 42.41
CA PHE B 76 17.79 12.65 42.13
C PHE B 76 17.48 13.15 40.73
N TRP B 77 17.27 12.22 39.80
CA TRP B 77 16.96 12.55 38.42
C TRP B 77 16.61 11.25 37.70
N ALA B 78 16.16 11.38 36.45
CA ALA B 78 15.79 10.22 35.66
C ALA B 78 17.00 9.29 35.50
N HIS B 79 16.71 8.08 35.00
CA HIS B 79 17.75 7.07 34.82
C HIS B 79 18.45 7.15 33.48
N ASP B 80 17.89 7.87 32.51
CA ASP B 80 18.51 7.97 31.20
C ASP B 80 19.82 8.73 31.27
N ARG B 81 19.89 9.76 32.11
CA ARG B 81 21.11 10.55 32.23
C ARG B 81 22.18 9.85 33.04
N PHE B 82 21.82 8.85 33.85
CA PHE B 82 22.82 8.09 34.58
C PHE B 82 23.59 7.16 33.66
N GLY B 83 23.00 6.77 32.53
CA GLY B 83 23.73 5.99 31.55
C GLY B 83 24.94 6.74 31.03
N GLY B 84 24.84 8.07 30.90
CA GLY B 84 25.99 8.86 30.51
C GLY B 84 26.92 9.16 31.66
N TYR B 85 26.39 9.30 32.87
CA TYR B 85 27.23 9.50 34.04
C TYR B 85 28.01 8.23 34.37
N ALA B 86 27.36 7.07 34.33
CA ALA B 86 28.04 5.82 34.58
C ALA B 86 28.97 5.44 33.45
N GLN B 87 28.70 5.92 32.23
CA GLN B 87 29.60 5.66 31.12
C GLN B 87 30.97 6.28 31.36
N SER B 88 31.00 7.47 31.97
CA SER B 88 32.23 8.12 32.33
C SER B 88 32.75 7.70 33.70
N GLY B 89 32.18 6.64 34.28
CA GLY B 89 32.64 6.12 35.56
C GLY B 89 32.62 7.16 36.66
N LEU B 90 31.45 7.74 36.92
CA LEU B 90 31.30 8.77 37.93
C LEU B 90 30.31 8.39 39.03
N LEU B 91 29.70 7.22 38.94
CA LEU B 91 28.75 6.75 39.95
C LEU B 91 29.20 5.39 40.47
N ALA B 92 29.10 5.20 41.78
CA ALA B 92 29.56 3.97 42.40
C ALA B 92 28.52 2.87 42.29
N GLU B 93 28.99 1.63 42.39
CA GLU B 93 28.12 0.47 42.35
C GLU B 93 27.46 0.26 43.71
N ILE B 94 26.17 -0.03 43.70
CA ILE B 94 25.42 -0.29 44.91
C ILE B 94 25.35 -1.80 45.13
N THR B 95 24.97 -2.19 46.35
CA THR B 95 24.87 -3.60 46.72
C THR B 95 23.75 -3.77 47.73
N PRO B 96 22.50 -3.65 47.31
CA PRO B 96 21.38 -3.85 48.23
C PRO B 96 21.22 -5.31 48.61
N ASP B 97 20.50 -5.53 49.70
CA ASP B 97 20.27 -6.89 50.18
C ASP B 97 19.30 -7.62 49.25
N LYS B 98 19.58 -8.90 49.02
CA LYS B 98 18.71 -9.71 48.17
C LYS B 98 17.27 -9.70 48.68
N ALA B 99 17.08 -9.62 49.99
CA ALA B 99 15.73 -9.60 50.55
C ALA B 99 15.04 -8.27 50.32
N PHE B 100 15.79 -7.17 50.34
CA PHE B 100 15.18 -5.85 50.10
C PHE B 100 14.74 -5.69 48.65
N GLN B 101 15.38 -6.40 47.72
CA GLN B 101 14.94 -6.34 46.34
C GLN B 101 13.56 -6.96 46.17
N ASP B 102 13.20 -7.92 47.02
CA ASP B 102 11.86 -8.51 46.96
C ASP B 102 10.78 -7.47 47.25
N LYS B 103 11.14 -6.33 47.85
CA LYS B 103 10.15 -5.31 48.17
C LYS B 103 9.84 -4.43 46.97
N LEU B 104 10.77 -4.31 46.02
CA LEU B 104 10.58 -3.51 44.83
C LEU B 104 10.24 -4.40 43.64
N TYR B 105 9.56 -3.83 42.66
CA TYR B 105 9.20 -4.59 41.47
C TYR B 105 10.46 -4.99 40.71
N PRO B 106 10.52 -6.20 40.13
CA PRO B 106 11.73 -6.59 39.40
C PRO B 106 12.04 -5.69 38.22
N PHE B 107 11.04 -5.34 37.42
CA PHE B 107 11.28 -4.56 36.20
C PHE B 107 11.80 -3.15 36.49
N THR B 108 11.69 -2.68 37.73
CA THR B 108 12.22 -1.36 38.07
C THR B 108 13.73 -1.37 38.20
N TRP B 109 14.35 -2.53 38.44
CA TRP B 109 15.79 -2.63 38.52
C TRP B 109 16.45 -2.71 37.14
N ASP B 110 15.69 -2.96 36.09
CA ASP B 110 16.24 -2.93 34.74
C ASP B 110 16.71 -1.53 34.35
N ALA B 111 16.23 -0.50 35.04
CA ALA B 111 16.64 0.87 34.76
C ALA B 111 17.95 1.24 35.44
N VAL B 112 18.37 0.48 36.45
CA VAL B 112 19.61 0.78 37.18
C VAL B 112 20.75 -0.16 36.80
N ARG B 113 20.49 -1.18 35.98
CA ARG B 113 21.53 -2.12 35.57
C ARG B 113 22.24 -1.57 34.35
N TYR B 114 23.50 -1.19 34.52
CA TYR B 114 24.35 -0.74 33.42
C TYR B 114 25.41 -1.80 33.18
N ASN B 115 25.41 -2.37 31.98
CA ASN B 115 26.34 -3.46 31.63
C ASN B 115 26.14 -4.66 32.54
N GLY B 116 24.94 -4.82 33.09
CA GLY B 116 24.66 -5.91 34.01
C GLY B 116 25.09 -5.66 35.43
N LYS B 117 25.31 -4.41 35.81
CA LYS B 117 25.74 -4.05 37.16
C LYS B 117 24.93 -2.86 37.66
N LEU B 118 24.58 -2.89 38.94
CA LEU B 118 23.81 -1.81 39.53
C LEU B 118 24.66 -0.54 39.64
N ILE B 119 24.01 0.61 39.51
CA ILE B 119 24.70 1.89 39.59
C ILE B 119 23.83 2.94 40.27
N ALA B 120 22.64 2.55 40.72
CA ALA B 120 21.73 3.50 41.36
C ALA B 120 20.57 2.74 41.98
N TYR B 121 19.81 3.46 42.83
CA TYR B 121 18.65 2.90 43.54
C TYR B 121 17.36 3.37 42.87
N PRO B 122 16.39 2.49 42.61
CA PRO B 122 15.10 2.96 42.10
C PRO B 122 14.39 3.85 43.11
N ILE B 123 13.57 4.76 42.59
CA ILE B 123 12.81 5.69 43.42
C ILE B 123 11.33 5.63 43.05
N ALA B 124 10.97 6.28 41.95
CA ALA B 124 9.59 6.34 41.50
C ALA B 124 9.51 6.06 40.01
N VAL B 125 8.30 5.78 39.54
CA VAL B 125 8.03 5.49 38.14
C VAL B 125 7.11 6.56 37.58
N GLU B 126 7.24 6.82 36.28
CA GLU B 126 6.43 7.83 35.61
C GLU B 126 6.15 7.33 34.20
N ALA B 127 4.89 6.98 33.93
CA ALA B 127 4.49 6.47 32.63
C ALA B 127 3.27 7.26 32.14
N LEU B 128 2.94 7.06 30.87
CA LEU B 128 1.84 7.78 30.24
C LEU B 128 0.51 7.07 30.48
N SER B 129 -0.56 7.84 30.47
CA SER B 129 -1.92 7.31 30.62
C SER B 129 -2.88 8.26 29.93
N LEU B 130 -3.95 7.69 29.38
CA LEU B 130 -4.94 8.51 28.69
C LEU B 130 -5.93 9.10 29.69
N ILE B 131 -6.38 10.31 29.39
CA ILE B 131 -7.41 10.99 30.17
C ILE B 131 -8.68 10.99 29.35
N TYR B 132 -9.83 11.05 30.04
CA TYR B 132 -11.11 11.07 29.36
C TYR B 132 -12.11 11.87 30.19
N ASN B 133 -12.84 12.76 29.52
CA ASN B 133 -13.86 13.57 30.16
C ASN B 133 -15.10 12.71 30.40
N LYS B 134 -15.35 12.35 31.67
CA LYS B 134 -16.48 11.49 31.98
C LYS B 134 -17.80 12.17 31.63
N ASP B 135 -17.88 13.49 31.82
CA ASP B 135 -19.11 14.21 31.51
C ASP B 135 -19.49 14.10 30.03
N LEU B 136 -18.52 13.84 29.15
CA LEU B 136 -18.76 13.74 27.72
C LEU B 136 -18.65 12.33 27.19
N LEU B 137 -17.89 11.46 27.85
CA LEU B 137 -17.71 10.08 27.41
C LEU B 137 -17.51 9.21 28.63
N PRO B 138 -18.58 8.60 29.17
CA PRO B 138 -18.43 7.79 30.39
C PRO B 138 -17.57 6.55 30.17
N ASN B 139 -17.91 5.77 29.14
CA ASN B 139 -17.16 4.55 28.83
C ASN B 139 -16.13 4.86 27.75
N PRO B 140 -14.85 5.02 28.10
CA PRO B 140 -13.84 5.26 27.08
C PRO B 140 -13.57 3.99 26.30
N PRO B 141 -13.18 4.10 25.03
CA PRO B 141 -12.87 2.89 24.25
C PRO B 141 -11.61 2.22 24.76
N LYS B 142 -11.52 0.90 24.52
CA LYS B 142 -10.39 0.10 24.95
C LYS B 142 -9.48 -0.31 23.81
N THR B 143 -9.79 0.10 22.58
CA THR B 143 -8.98 -0.25 21.41
C THR B 143 -8.78 0.98 20.55
N TRP B 144 -7.59 1.10 19.96
CA TRP B 144 -7.32 2.20 19.04
C TRP B 144 -8.24 2.15 17.83
N GLU B 145 -8.73 0.97 17.47
CA GLU B 145 -9.46 0.80 16.22
C GLU B 145 -10.85 1.41 16.26
N GLU B 146 -11.41 1.65 17.45
CA GLU B 146 -12.78 2.12 17.58
C GLU B 146 -12.87 3.62 17.85
N ILE B 147 -11.77 4.35 17.68
CA ILE B 147 -11.78 5.80 17.91
C ILE B 147 -12.36 6.52 16.69
N PRO B 148 -12.01 6.11 15.45
CA PRO B 148 -12.66 6.74 14.29
C PRO B 148 -14.18 6.79 14.39
N ALA B 149 -14.82 5.65 14.63
CA ALA B 149 -16.27 5.64 14.80
C ALA B 149 -16.69 6.50 15.99
N LEU B 150 -15.85 6.57 17.03
CA LEU B 150 -16.16 7.42 18.18
C LEU B 150 -15.98 8.89 17.83
N ASP B 151 -14.98 9.22 17.00
CA ASP B 151 -14.77 10.61 16.62
C ASP B 151 -15.96 11.14 15.84
N LYS B 152 -16.44 10.37 14.87
CA LYS B 152 -17.66 10.75 14.16
C LYS B 152 -18.80 10.97 15.13
N GLU B 153 -18.99 10.04 16.07
CA GLU B 153 -20.06 10.15 17.04
C GLU B 153 -20.00 11.48 17.78
N LEU B 154 -18.79 11.98 18.05
CA LEU B 154 -18.63 13.20 18.83
C LEU B 154 -18.51 14.45 17.97
N LYS B 155 -17.96 14.34 16.75
CA LYS B 155 -17.88 15.50 15.88
C LYS B 155 -19.25 16.08 15.60
N ALA B 156 -20.30 15.25 15.63
CA ALA B 156 -21.65 15.76 15.43
C ALA B 156 -22.01 16.78 16.50
N LYS B 157 -21.58 16.55 17.74
CA LYS B 157 -21.85 17.46 18.84
C LYS B 157 -20.80 18.55 18.97
N GLY B 158 -20.04 18.81 17.91
CA GLY B 158 -19.09 19.91 17.92
C GLY B 158 -17.97 19.75 18.91
N LYS B 159 -17.49 18.52 19.12
CA LYS B 159 -16.37 18.28 20.00
C LYS B 159 -15.56 17.11 19.46
N SER B 160 -14.26 17.14 19.74
CA SER B 160 -13.33 16.14 19.23
C SER B 160 -13.20 14.98 20.22
N ALA B 161 -12.77 13.84 19.71
CA ALA B 161 -12.62 12.63 20.52
C ALA B 161 -11.26 12.57 21.21
N LEU B 162 -10.18 12.60 20.42
CA LEU B 162 -8.83 12.51 20.95
C LEU B 162 -7.99 13.66 20.41
N MET B 163 -7.00 14.06 21.21
CA MET B 163 -6.12 15.17 20.86
C MET B 163 -4.95 15.24 21.83
N PHE B 164 -3.76 14.85 21.38
CA PHE B 164 -2.59 14.82 22.24
C PHE B 164 -1.37 15.31 21.47
N ASN B 165 -0.26 15.45 22.18
CA ASN B 165 0.97 15.95 21.58
C ASN B 165 1.54 14.92 20.61
N LEU B 166 1.72 15.32 19.35
CA LEU B 166 2.26 14.44 18.33
C LEU B 166 3.71 14.74 17.98
N GLN B 167 4.20 15.93 18.32
CA GLN B 167 5.55 16.35 17.95
C GLN B 167 6.58 15.47 18.66
N GLU B 168 6.66 15.58 19.97
CA GLU B 168 7.55 14.73 20.75
C GLU B 168 7.14 13.26 20.60
N PRO B 169 8.00 12.40 20.04
CA PRO B 169 7.60 10.99 19.86
C PRO B 169 7.36 10.27 21.17
N TYR B 170 7.78 10.82 22.31
CA TYR B 170 7.51 10.19 23.60
C TYR B 170 6.02 9.92 23.77
N PHE B 171 5.17 10.76 23.16
CA PHE B 171 3.73 10.58 23.26
C PHE B 171 3.18 9.64 22.19
N THR B 172 3.87 9.53 21.04
CA THR B 172 3.41 8.68 19.96
C THR B 172 4.06 7.31 19.94
N TRP B 173 5.15 7.11 20.69
CA TRP B 173 5.79 5.81 20.73
C TRP B 173 4.90 4.70 21.28
N PRO B 174 4.01 4.95 22.26
CA PRO B 174 3.18 3.86 22.79
C PRO B 174 2.46 3.06 21.72
N LEU B 175 2.05 3.68 20.61
CA LEU B 175 1.32 2.97 19.58
C LEU B 175 2.27 2.18 18.69
N ILE B 176 3.20 2.86 18.01
CA ILE B 176 4.09 2.22 17.06
C ILE B 176 4.89 1.09 17.70
N ALA B 177 5.03 1.09 19.02
CA ALA B 177 5.76 0.05 19.72
C ALA B 177 4.87 -1.10 20.18
N ALA B 178 3.55 -1.00 19.98
CA ALA B 178 2.64 -2.02 20.49
C ALA B 178 2.79 -3.33 19.71
N ASP B 179 2.84 -3.24 18.38
CA ASP B 179 2.83 -4.42 17.52
C ASP B 179 4.23 -4.91 17.16
N GLY B 180 5.18 -4.82 18.09
CA GLY B 180 6.51 -5.37 17.90
C GLY B 180 7.63 -4.35 17.83
N GLY B 181 7.31 -3.06 17.83
CA GLY B 181 8.36 -2.05 17.76
C GLY B 181 9.12 -1.94 19.07
N TYR B 182 10.44 -1.73 18.95
CA TYR B 182 11.28 -1.55 20.12
C TYR B 182 12.50 -0.74 19.72
N ALA B 183 13.05 0.00 20.69
CA ALA B 183 14.23 0.82 20.44
C ALA B 183 15.44 -0.06 20.18
N PHE B 184 16.01 -0.63 21.24
CA PHE B 184 17.14 -1.55 21.13
C PHE B 184 16.79 -2.83 21.88
N LYS B 185 17.14 -3.97 21.29
CA LYS B 185 16.81 -5.25 21.89
C LYS B 185 17.44 -5.37 23.27
N TYR B 186 16.61 -5.70 24.26
CA TYR B 186 17.04 -5.79 25.65
C TYR B 186 17.12 -7.25 26.06
N GLU B 187 18.32 -7.70 26.44
CA GLU B 187 18.58 -9.09 26.79
C GLU B 187 19.38 -9.15 28.08
N ASN B 188 18.83 -9.86 29.08
CA ASN B 188 19.51 -10.14 30.34
C ASN B 188 20.36 -8.97 30.82
N GLY B 189 19.76 -7.77 30.78
CA GLY B 189 20.38 -6.59 31.34
C GLY B 189 21.32 -5.83 30.42
N LYS B 190 21.49 -6.27 29.17
CA LYS B 190 22.33 -5.57 28.22
C LYS B 190 21.54 -5.26 26.95
N TYR B 191 21.93 -4.17 26.30
CA TYR B 191 21.30 -3.73 25.06
C TYR B 191 22.16 -4.11 23.87
N ASP B 192 21.52 -4.58 22.81
CA ASP B 192 22.20 -4.94 21.57
C ASP B 192 22.27 -3.69 20.70
N ILE B 193 23.43 -3.03 20.71
CA ILE B 193 23.63 -1.84 19.89
C ILE B 193 23.45 -2.16 18.41
N LYS B 194 23.63 -3.42 18.03
CA LYS B 194 23.54 -3.82 16.64
C LYS B 194 22.08 -3.92 16.18
N ASP B 195 21.21 -4.45 17.03
CA ASP B 195 19.82 -4.68 16.68
C ASP B 195 18.96 -3.47 17.00
N VAL B 196 18.10 -3.10 16.06
CA VAL B 196 17.17 -1.99 16.23
C VAL B 196 15.79 -2.43 15.74
N GLY B 197 14.75 -2.02 16.45
CA GLY B 197 13.40 -2.42 16.11
C GLY B 197 12.53 -1.29 15.62
N VAL B 198 12.97 -0.58 14.58
CA VAL B 198 12.17 0.47 13.97
C VAL B 198 11.85 0.17 12.51
N ASP B 199 12.60 -0.70 11.83
CA ASP B 199 12.33 -1.06 10.45
C ASP B 199 11.46 -2.31 10.32
N ASN B 200 11.18 -3.00 11.42
CA ASN B 200 10.35 -4.20 11.36
C ASN B 200 8.95 -3.85 10.88
N ALA B 201 8.30 -4.84 10.26
CA ALA B 201 6.95 -4.64 9.75
C ALA B 201 5.92 -4.45 10.85
N GLY B 202 6.27 -4.76 12.10
CA GLY B 202 5.31 -4.56 13.18
C GLY B 202 5.03 -3.09 13.44
N ALA B 203 6.09 -2.29 13.58
CA ALA B 203 5.91 -0.87 13.79
C ALA B 203 5.42 -0.17 12.52
N LYS B 204 5.84 -0.66 11.35
CA LYS B 204 5.33 -0.11 10.10
C LYS B 204 3.82 -0.19 10.04
N ALA B 205 3.22 -1.18 10.69
CA ALA B 205 1.78 -1.30 10.75
C ALA B 205 1.16 -0.36 11.78
N GLY B 206 1.90 -0.06 12.85
CA GLY B 206 1.40 0.85 13.87
C GLY B 206 1.33 2.27 13.39
N LEU B 207 2.45 2.80 12.91
CA LEU B 207 2.49 4.19 12.45
C LEU B 207 1.45 4.43 11.36
N THR B 208 1.28 3.48 10.44
CA THR B 208 0.33 3.66 9.35
C THR B 208 -1.07 3.92 9.88
N PHE B 209 -1.47 3.21 10.94
CA PHE B 209 -2.79 3.45 11.52
C PHE B 209 -2.88 4.86 12.09
N LEU B 210 -1.81 5.34 12.73
CA LEU B 210 -1.79 6.72 13.21
C LEU B 210 -1.94 7.70 12.06
N VAL B 211 -1.17 7.50 10.99
CA VAL B 211 -1.26 8.38 9.83
C VAL B 211 -2.66 8.30 9.22
N ASP B 212 -3.30 7.14 9.29
CA ASP B 212 -4.67 7.02 8.79
C ASP B 212 -5.63 7.92 9.56
N LEU B 213 -5.30 8.27 10.81
CA LEU B 213 -6.12 9.20 11.57
C LEU B 213 -5.90 10.63 11.09
N ILE B 214 -4.64 11.02 10.91
CA ILE B 214 -4.32 12.34 10.39
C ILE B 214 -4.82 12.46 8.96
N LYS B 215 -4.65 11.40 8.16
CA LYS B 215 -5.15 11.40 6.79
C LYS B 215 -6.66 11.62 6.76
N ASN B 216 -7.39 11.05 7.72
CA ASN B 216 -8.83 11.14 7.77
C ASN B 216 -9.33 12.29 8.63
N LYS B 217 -8.43 13.17 9.09
CA LYS B 217 -8.78 14.39 9.80
C LYS B 217 -9.37 14.12 11.18
N HIS B 218 -9.08 12.96 11.78
CA HIS B 218 -9.43 12.76 13.19
C HIS B 218 -8.51 13.55 14.11
N MET B 219 -7.24 13.66 13.72
CA MET B 219 -6.27 14.50 14.42
C MET B 219 -5.52 15.32 13.39
N ASN B 220 -4.98 16.45 13.84
CA ASN B 220 -4.20 17.34 12.98
C ASN B 220 -2.72 17.21 13.36
N ALA B 221 -1.87 17.11 12.34
CA ALA B 221 -0.44 16.87 12.58
C ALA B 221 0.18 17.99 13.41
N ASP B 222 -0.23 19.23 13.17
CA ASP B 222 0.31 20.38 13.88
C ASP B 222 -0.42 20.54 15.22
N THR B 223 -0.17 19.57 16.11
CA THR B 223 -0.73 19.57 17.46
C THR B 223 0.41 19.44 18.45
N ASP B 224 0.48 20.37 19.40
CA ASP B 224 1.53 20.40 20.41
C ASP B 224 0.96 19.99 21.76
N TYR B 225 1.85 19.89 22.75
CA TYR B 225 1.42 19.67 24.13
C TYR B 225 0.53 20.82 24.60
N SER B 226 0.95 22.05 24.33
CA SER B 226 0.19 23.20 24.78
C SER B 226 -1.21 23.23 24.17
N ILE B 227 -1.31 22.85 22.89
CA ILE B 227 -2.61 22.87 22.21
C ILE B 227 -3.50 21.77 22.74
N ALA B 228 -2.93 20.59 23.01
CA ALA B 228 -3.71 19.48 23.53
C ALA B 228 -4.22 19.77 24.94
N GLU B 229 -3.33 20.23 25.82
CA GLU B 229 -3.74 20.53 27.19
C GLU B 229 -4.82 21.60 27.21
N ALA B 230 -4.68 22.64 26.39
CA ALA B 230 -5.66 23.72 26.37
C ALA B 230 -7.04 23.22 25.96
N ALA B 231 -7.09 22.33 24.96
CA ALA B 231 -8.37 21.86 24.45
C ALA B 231 -9.09 21.00 25.49
N PHE B 232 -8.41 19.99 26.02
CA PHE B 232 -9.05 19.08 26.97
C PHE B 232 -9.53 19.82 28.21
N ASN B 233 -8.75 20.79 28.69
CA ASN B 233 -9.11 21.53 29.88
C ASN B 233 -10.32 22.43 29.67
N LYS B 234 -10.66 22.74 28.41
CA LYS B 234 -11.82 23.57 28.10
C LYS B 234 -12.95 22.77 27.47
N GLY B 235 -12.88 21.44 27.52
CA GLY B 235 -13.93 20.61 26.98
C GLY B 235 -13.97 20.51 25.46
N GLU B 236 -13.02 21.12 24.77
CA GLU B 236 -13.01 21.05 23.31
C GLU B 236 -12.77 19.64 22.80
N THR B 237 -12.23 18.75 23.63
CA THR B 237 -11.98 17.37 23.25
C THR B 237 -12.36 16.46 24.42
N ALA B 238 -12.44 15.17 24.14
CA ALA B 238 -12.89 14.18 25.12
C ALA B 238 -11.78 13.26 25.62
N MET B 239 -10.60 13.27 25.01
CA MET B 239 -9.53 12.39 25.43
C MET B 239 -8.19 13.05 25.12
N THR B 240 -7.16 12.64 25.85
CA THR B 240 -5.80 13.12 25.64
C THR B 240 -4.85 12.11 26.27
N ILE B 241 -3.56 12.46 26.31
CA ILE B 241 -2.53 11.60 26.87
C ILE B 241 -1.54 12.48 27.62
N ASN B 242 -1.13 12.03 28.80
CA ASN B 242 -0.15 12.75 29.62
C ASN B 242 0.13 11.92 30.86
N GLY B 243 1.18 12.30 31.57
CA GLY B 243 1.60 11.61 32.77
C GLY B 243 1.06 12.28 34.03
N PRO B 244 1.56 11.86 35.20
CA PRO B 244 1.08 12.44 36.46
C PRO B 244 1.55 13.86 36.71
N TRP B 245 2.32 14.46 35.81
CA TRP B 245 2.79 15.83 36.02
C TRP B 245 1.74 16.87 35.68
N ALA B 246 0.74 16.53 34.86
CA ALA B 246 -0.30 17.47 34.46
C ALA B 246 -1.64 17.21 35.14
N TRP B 247 -1.72 16.23 36.04
CA TRP B 247 -2.99 15.95 36.71
C TRP B 247 -3.44 17.12 37.56
N SER B 248 -2.50 17.90 38.09
CA SER B 248 -2.86 19.04 38.93
C SER B 248 -3.50 20.16 38.12
N ASN B 249 -3.08 20.34 36.86
CA ASN B 249 -3.63 21.40 36.03
C ASN B 249 -5.07 21.13 35.61
N ILE B 250 -5.49 19.86 35.60
CA ILE B 250 -6.84 19.55 35.15
C ILE B 250 -7.86 19.86 36.24
N ASP B 251 -7.53 19.55 37.49
CA ASP B 251 -8.42 19.91 38.59
C ASP B 251 -8.56 21.43 38.70
N THR B 252 -7.49 22.16 38.33
CA THR B 252 -7.58 23.62 38.31
C THR B 252 -8.60 24.09 37.28
N SER B 253 -8.68 23.41 36.14
CA SER B 253 -9.64 23.73 35.10
C SER B 253 -11.05 23.27 35.45
N LYS B 254 -11.25 22.66 36.62
CA LYS B 254 -12.56 22.24 37.11
C LYS B 254 -13.17 21.10 36.31
N VAL B 255 -12.39 20.47 35.43
CA VAL B 255 -12.90 19.41 34.56
C VAL B 255 -12.81 18.08 35.30
N ASN B 256 -13.93 17.36 35.35
CA ASN B 256 -13.98 16.03 35.95
C ASN B 256 -13.36 15.04 34.97
N TYR B 257 -12.22 14.46 35.35
CA TYR B 257 -11.45 13.59 34.47
C TYR B 257 -11.26 12.22 35.13
N GLY B 258 -10.62 11.33 34.40
CA GLY B 258 -10.31 10.00 34.89
C GLY B 258 -9.15 9.42 34.11
N VAL B 259 -8.49 8.43 34.72
CA VAL B 259 -7.34 7.78 34.12
C VAL B 259 -7.65 6.30 33.95
N THR B 260 -7.11 5.72 32.88
CA THR B 260 -7.31 4.32 32.58
C THR B 260 -6.14 3.81 31.74
N VAL B 261 -6.14 2.51 31.45
CA VAL B 261 -5.12 1.91 30.59
C VAL B 261 -5.19 2.51 29.19
N LEU B 262 -4.05 2.48 28.50
CA LEU B 262 -4.02 2.87 27.10
C LEU B 262 -4.67 1.78 26.25
N PRO B 263 -5.40 2.16 25.19
CA PRO B 263 -6.11 1.14 24.39
C PRO B 263 -5.16 0.16 23.72
N THR B 264 -5.71 -0.84 23.06
CA THR B 264 -4.95 -1.95 22.48
C THR B 264 -5.00 -1.86 20.96
N PHE B 265 -3.83 -1.80 20.33
CA PHE B 265 -3.71 -1.88 18.88
C PHE B 265 -3.38 -3.32 18.49
N LYS B 266 -4.14 -3.85 17.53
CA LYS B 266 -4.03 -5.25 17.14
C LYS B 266 -4.38 -6.20 18.28
N GLY B 267 -5.03 -5.69 19.33
CA GLY B 267 -5.39 -6.48 20.47
C GLY B 267 -4.39 -6.47 21.61
N GLN B 268 -3.14 -6.01 21.37
CA GLN B 268 -2.11 -5.98 22.39
C GLN B 268 -1.90 -4.57 22.91
N PRO B 269 -1.60 -4.40 24.19
CA PRO B 269 -1.56 -3.06 24.77
C PRO B 269 -0.42 -2.22 24.21
N SER B 270 -0.42 -0.95 24.59
CA SER B 270 0.59 -0.01 24.14
C SER B 270 1.85 -0.11 24.99
N LYS B 271 3.00 0.16 24.36
CA LYS B 271 4.29 0.12 25.03
C LYS B 271 4.82 1.53 25.24
N PRO B 272 4.41 2.22 26.31
CA PRO B 272 4.97 3.55 26.58
C PRO B 272 6.33 3.46 27.25
N PHE B 273 7.23 4.37 26.86
CA PHE B 273 8.51 4.47 27.55
C PHE B 273 8.28 4.74 29.03
N VAL B 274 8.94 3.95 29.87
CA VAL B 274 8.76 4.03 31.31
C VAL B 274 9.86 4.91 31.88
N GLY B 275 9.46 6.00 32.52
CA GLY B 275 10.41 6.88 33.20
C GLY B 275 10.55 6.51 34.66
N VAL B 276 11.78 6.19 35.08
CA VAL B 276 12.05 5.69 36.42
C VAL B 276 12.95 6.71 37.12
N LEU B 277 12.35 7.50 38.00
CA LEU B 277 13.15 8.36 38.87
C LEU B 277 14.12 7.49 39.68
N SER B 278 15.37 7.93 39.76
CA SER B 278 16.43 7.12 40.34
C SER B 278 17.30 7.98 41.25
N ALA B 279 18.09 7.30 42.07
CA ALA B 279 19.03 7.96 42.98
C ALA B 279 20.31 7.14 43.01
N GLY B 280 21.40 7.71 42.51
CA GLY B 280 22.67 7.02 42.44
C GLY B 280 23.65 7.49 43.52
N ILE B 281 24.84 6.89 43.48
CA ILE B 281 25.90 7.17 44.43
C ILE B 281 27.11 7.66 43.64
N ASN B 282 27.52 8.90 43.90
CA ASN B 282 28.71 9.44 43.25
C ASN B 282 29.94 8.60 43.61
N ALA B 283 30.78 8.34 42.62
CA ALA B 283 31.96 7.50 42.82
C ALA B 283 33.07 8.23 43.57
N ALA B 284 33.00 9.55 43.66
CA ALA B 284 34.07 10.36 44.26
C ALA B 284 33.66 10.93 45.61
N SER B 285 32.74 10.25 46.33
CA SER B 285 32.35 10.73 47.64
C SER B 285 33.10 9.98 48.74
N PRO B 286 33.38 10.63 49.88
CA PRO B 286 34.09 9.94 50.96
C PRO B 286 33.19 9.13 51.88
N ASN B 287 31.87 9.32 51.84
CA ASN B 287 30.93 8.65 52.75
C ASN B 287 29.89 7.92 51.91
N LYS B 288 30.25 6.74 51.41
CA LYS B 288 29.32 5.94 50.63
C LYS B 288 28.41 5.10 51.52
N GLU B 289 28.99 4.44 52.52
CA GLU B 289 28.19 3.57 53.39
C GLU B 289 27.24 4.37 54.28
N LEU B 290 27.49 5.66 54.47
CA LEU B 290 26.57 6.49 55.25
C LEU B 290 25.33 6.91 54.47
N ALA B 291 25.31 6.68 53.15
CA ALA B 291 24.13 6.91 52.34
C ALA B 291 23.34 5.62 52.10
N LYS B 292 24.03 4.51 51.83
CA LYS B 292 23.35 3.23 51.71
C LYS B 292 22.56 2.89 52.96
N GLU B 293 23.05 3.32 54.13
CA GLU B 293 22.31 3.10 55.37
C GLU B 293 21.00 3.89 55.37
N PHE B 294 21.06 5.15 54.94
CA PHE B 294 19.86 5.99 54.96
C PHE B 294 18.89 5.58 53.86
N LEU B 295 19.38 5.37 52.64
CA LEU B 295 18.51 5.09 51.50
C LEU B 295 17.76 3.77 51.66
N GLU B 296 18.24 2.87 52.51
CA GLU B 296 17.61 1.55 52.69
C GLU B 296 16.67 1.49 53.88
N ASN B 297 17.12 1.91 55.05
CA ASN B 297 16.33 1.76 56.27
C ASN B 297 15.53 3.01 56.63
N TYR B 298 16.02 4.20 56.31
CA TYR B 298 15.37 5.43 56.73
C TYR B 298 14.55 6.10 55.63
N LEU B 299 14.99 6.02 54.38
CA LEU B 299 14.25 6.65 53.28
C LEU B 299 13.19 5.72 52.71
N LEU B 300 13.60 4.56 52.21
CA LEU B 300 12.66 3.59 51.66
C LEU B 300 11.76 3.06 52.76
N THR B 301 10.82 3.87 53.22
CA THR B 301 9.92 3.51 54.30
C THR B 301 8.53 4.06 54.01
N ASP B 302 7.52 3.41 54.59
CA ASP B 302 6.15 3.88 54.40
C ASP B 302 5.97 5.29 54.96
N GLU B 303 6.74 5.65 55.99
CA GLU B 303 6.68 7.01 56.53
C GLU B 303 7.46 7.99 55.68
N GLY B 304 8.63 7.59 55.19
CA GLY B 304 9.45 8.49 54.40
C GLY B 304 8.78 8.87 53.09
N LEU B 305 8.23 7.89 52.38
CA LEU B 305 7.57 8.16 51.12
C LEU B 305 6.29 8.98 51.32
N GLU B 306 5.58 8.73 52.42
CA GLU B 306 4.33 9.44 52.67
C GLU B 306 4.56 10.91 52.97
N ALA B 307 5.71 11.25 53.55
CA ALA B 307 6.01 12.65 53.86
C ALA B 307 6.37 13.43 52.61
N VAL B 308 7.25 12.88 51.78
CA VAL B 308 7.65 13.57 50.55
C VAL B 308 6.47 13.66 49.58
N ASN B 309 5.66 12.62 49.50
CA ASN B 309 4.51 12.65 48.61
C ASN B 309 3.50 13.72 49.03
N LYS B 310 3.41 13.99 50.32
CA LYS B 310 2.52 15.04 50.80
C LYS B 310 2.96 16.42 50.30
N ASP B 311 4.27 16.61 50.11
CA ASP B 311 4.76 17.87 49.58
C ASP B 311 4.51 17.99 48.09
N LYS B 312 4.79 16.93 47.34
CA LYS B 312 4.54 16.90 45.91
C LYS B 312 4.14 15.49 45.49
N PRO B 313 2.93 15.30 44.93
CA PRO B 313 2.56 13.96 44.45
C PRO B 313 3.60 13.38 43.50
N LEU B 314 4.11 12.19 43.82
CA LEU B 314 5.14 11.56 43.01
C LEU B 314 4.59 10.65 41.93
N GLY B 315 3.37 10.17 42.08
CA GLY B 315 2.76 9.27 41.11
C GLY B 315 2.98 7.81 41.50
N ALA B 316 3.69 7.07 40.67
CA ALA B 316 4.00 5.68 40.96
C ALA B 316 5.13 5.60 41.99
N VAL B 317 5.32 4.41 42.56
CA VAL B 317 6.26 4.19 43.64
C VAL B 317 7.01 2.89 43.39
N ALA B 318 8.30 2.89 43.79
CA ALA B 318 9.11 1.68 43.66
C ALA B 318 8.72 0.64 44.70
N LEU B 319 8.53 1.05 45.94
CA LEU B 319 8.10 0.15 46.99
C LEU B 319 6.79 -0.53 46.60
N LYS B 320 6.82 -1.86 46.47
CA LYS B 320 5.63 -2.61 46.08
C LYS B 320 4.50 -2.44 47.09
N SER B 321 4.82 -2.13 48.34
CA SER B 321 3.79 -1.98 49.36
C SER B 321 3.06 -0.64 49.23
N TYR B 322 3.79 0.47 49.39
CA TYR B 322 3.16 1.78 49.35
C TYR B 322 2.49 2.04 48.00
N GLU B 323 2.98 1.38 46.94
CA GLU B 323 2.28 1.46 45.66
C GLU B 323 0.83 1.00 45.81
N GLU B 324 0.60 -0.01 46.65
CA GLU B 324 -0.75 -0.49 46.88
C GLU B 324 -1.56 0.52 47.68
N GLU B 325 -0.92 1.19 48.65
CA GLU B 325 -1.61 2.22 49.41
C GLU B 325 -2.04 3.37 48.52
N LEU B 326 -1.23 3.69 47.50
CA LEU B 326 -1.62 4.70 46.53
C LEU B 326 -2.60 4.16 45.50
N ALA B 327 -2.54 2.86 45.22
CA ALA B 327 -3.50 2.26 44.29
C ALA B 327 -4.93 2.51 44.71
N LYS B 328 -5.17 2.83 45.99
CA LYS B 328 -6.50 3.26 46.41
C LYS B 328 -7.02 4.37 45.52
N ASP B 329 -6.13 5.27 45.08
CA ASP B 329 -6.49 6.28 44.10
C ASP B 329 -6.42 5.66 42.70
N PRO B 330 -7.54 5.58 41.96
CA PRO B 330 -7.48 4.91 40.65
C PRO B 330 -6.53 5.56 39.67
N ARG B 331 -6.12 6.81 39.91
CA ARG B 331 -5.17 7.46 39.02
C ARG B 331 -3.86 6.68 38.96
N ILE B 332 -3.27 6.41 40.13
CA ILE B 332 -1.96 5.76 40.17
C ILE B 332 -2.09 4.27 39.85
N ALA B 333 -3.18 3.64 40.26
CA ALA B 333 -3.38 2.23 39.93
C ALA B 333 -3.38 2.03 38.42
N ALA B 334 -3.94 3.00 37.68
CA ALA B 334 -3.94 2.92 36.22
C ALA B 334 -2.57 3.24 35.63
N THR B 335 -1.81 4.13 36.28
CA THR B 335 -0.50 4.50 35.76
C THR B 335 0.50 3.34 35.86
N MET B 336 0.41 2.56 36.94
CA MET B 336 1.34 1.44 37.11
C MET B 336 1.12 0.38 36.05
N GLU B 337 -0.14 0.13 35.68
CA GLU B 337 -0.43 -0.87 34.66
C GLU B 337 0.26 -0.54 33.34
N ASN B 338 0.35 0.75 33.01
CA ASN B 338 0.98 1.15 31.76
C ASN B 338 2.47 0.85 31.78
N ALA B 339 3.15 1.15 32.89
CA ALA B 339 4.58 0.87 32.98
C ALA B 339 4.86 -0.62 32.86
N GLN B 340 4.11 -1.43 33.58
CA GLN B 340 4.30 -2.88 33.50
C GLN B 340 4.14 -3.39 32.07
N LYS B 341 3.16 -2.85 31.35
CA LYS B 341 2.92 -3.24 29.96
C LYS B 341 3.73 -2.40 28.97
N GLY B 342 4.87 -1.86 29.40
CA GLY B 342 5.69 -1.05 28.52
C GLY B 342 7.16 -1.34 28.75
N GLU B 343 7.95 -1.03 27.72
CA GLU B 343 9.39 -1.23 27.79
C GLU B 343 10.05 -0.08 28.53
N ILE B 344 11.09 -0.40 29.29
CA ILE B 344 11.82 0.60 30.05
C ILE B 344 12.71 1.39 29.09
N MET B 345 12.75 2.70 29.27
CA MET B 345 13.51 3.57 28.38
C MET B 345 14.99 3.21 28.46
N PRO B 346 15.63 2.83 27.36
CA PRO B 346 17.08 2.60 27.41
C PRO B 346 17.83 3.82 27.90
N ASN B 347 19.06 3.60 28.38
CA ASN B 347 19.88 4.65 28.94
C ASN B 347 21.22 4.82 28.24
N ILE B 348 21.60 3.92 27.34
CA ILE B 348 22.87 4.02 26.63
C ILE B 348 22.90 5.32 25.82
N PRO B 349 24.07 5.87 25.50
CA PRO B 349 24.12 7.13 24.74
C PRO B 349 23.58 7.02 23.32
N GLN B 350 23.39 5.81 22.80
CA GLN B 350 22.88 5.67 21.43
C GLN B 350 21.48 6.26 21.28
N MET B 351 20.78 6.51 22.38
CA MET B 351 19.45 7.11 22.29
C MET B 351 19.49 8.51 21.70
N SER B 352 20.63 9.20 21.79
CA SER B 352 20.74 10.52 21.17
C SER B 352 20.55 10.43 19.66
N ALA B 353 21.10 9.40 19.04
CA ALA B 353 20.92 9.17 17.61
C ALA B 353 19.59 8.50 17.28
N PHE B 354 18.83 8.10 18.30
CA PHE B 354 17.52 7.45 18.11
C PHE B 354 16.38 8.46 18.20
N TRP B 355 16.38 9.31 19.22
CA TRP B 355 15.34 10.33 19.35
C TRP B 355 15.28 11.19 18.09
N TYR B 356 16.39 11.85 17.76
CA TYR B 356 16.42 12.69 16.56
C TYR B 356 16.08 11.89 15.31
N ALA B 357 16.45 10.61 15.27
CA ALA B 357 16.14 9.79 14.11
C ALA B 357 14.64 9.50 14.01
N VAL B 358 14.02 9.15 15.13
CA VAL B 358 12.59 8.84 15.13
C VAL B 358 11.76 10.13 15.12
N ARG B 359 12.04 11.03 16.05
CA ARG B 359 11.31 12.30 16.13
C ARG B 359 11.27 12.99 14.77
N THR B 360 12.31 12.83 13.96
CA THR B 360 12.31 13.40 12.62
C THR B 360 11.53 12.54 11.63
N ALA B 361 11.41 11.25 11.89
CA ALA B 361 10.70 10.36 10.98
C ALA B 361 9.19 10.42 11.20
N VAL B 362 8.76 10.53 12.46
CA VAL B 362 7.33 10.56 12.75
C VAL B 362 6.67 11.76 12.06
N ILE B 363 7.36 12.90 12.05
CA ILE B 363 6.79 14.10 11.45
C ILE B 363 6.65 13.95 9.95
N ASN B 364 7.73 13.53 9.29
CA ASN B 364 7.69 13.40 7.83
C ASN B 364 6.65 12.38 7.39
N ALA B 365 6.54 11.26 8.11
CA ALA B 365 5.57 10.24 7.73
C ALA B 365 4.14 10.72 7.97
N ALA B 366 3.91 11.41 9.09
CA ALA B 366 2.60 11.92 9.41
C ALA B 366 2.20 13.13 8.57
N SER B 367 3.09 13.63 7.72
CA SER B 367 2.80 14.74 6.83
C SER B 367 2.82 14.37 5.36
N GLY B 368 3.04 13.09 5.04
CA GLY B 368 3.14 12.65 3.67
C GLY B 368 4.41 13.03 2.96
N ARG B 369 5.26 13.85 3.59
CA ARG B 369 6.53 14.21 2.98
C ARG B 369 7.39 12.98 2.69
N GLN B 370 7.22 11.93 3.49
CA GLN B 370 7.85 10.65 3.24
C GLN B 370 6.87 9.55 3.56
N THR B 371 6.98 8.43 2.84
CA THR B 371 6.07 7.31 3.05
C THR B 371 6.37 6.64 4.39
N VAL B 372 5.62 5.57 4.68
CA VAL B 372 5.84 4.82 5.90
C VAL B 372 7.17 4.10 5.85
N ASP B 373 7.45 3.43 4.72
CA ASP B 373 8.70 2.68 4.59
C ASP B 373 9.89 3.62 4.50
N GLU B 374 9.81 4.64 3.63
CA GLU B 374 10.93 5.56 3.46
C GLU B 374 11.30 6.23 4.77
N ALA B 375 10.29 6.71 5.51
CA ALA B 375 10.55 7.44 6.75
C ALA B 375 11.08 6.54 7.86
N LEU B 376 10.81 5.23 7.79
CA LEU B 376 11.24 4.32 8.83
C LEU B 376 12.54 3.60 8.52
N LYS B 377 12.90 3.47 7.24
CA LYS B 377 14.22 2.93 6.90
C LYS B 377 15.31 3.98 7.11
N ASP B 378 15.05 5.23 6.71
CA ASP B 378 15.98 6.30 7.01
C ASP B 378 16.19 6.44 8.51
N ALA B 379 15.13 6.24 9.30
CA ALA B 379 15.28 6.25 10.76
C ALA B 379 16.05 5.03 11.24
N GLN B 380 16.00 3.93 10.50
CA GLN B 380 16.75 2.74 10.88
C GLN B 380 18.25 2.93 10.66
N THR B 381 18.63 3.71 9.65
CA THR B 381 20.05 3.97 9.42
C THR B 381 20.64 4.83 10.53
N GLY B 382 19.86 5.78 11.05
CA GLY B 382 20.31 6.61 12.14
C GLY B 382 20.51 5.82 13.42
N SER B 383 19.45 5.18 13.89
CA SER B 383 19.51 4.35 15.08
C SER B 383 20.12 5.11 16.26
N SER C 12 -16.48 -28.59 -45.50
CA SER C 12 -15.07 -28.45 -45.05
C SER C 12 -14.77 -29.35 -43.87
N SER C 13 -13.51 -29.76 -43.73
CA SER C 13 -13.11 -30.64 -42.64
C SER C 13 -13.41 -30.00 -41.29
N LYS C 14 -13.49 -30.84 -40.27
CA LYS C 14 -13.76 -30.33 -38.92
C LYS C 14 -12.66 -29.39 -38.46
N GLY C 15 -11.40 -29.79 -38.63
CA GLY C 15 -10.29 -28.93 -38.23
C GLY C 15 -10.42 -27.53 -38.79
N GLU C 16 -10.90 -27.40 -40.02
CA GLU C 16 -11.08 -26.10 -40.62
C GLU C 16 -12.27 -25.37 -40.01
N GLU C 17 -13.41 -26.07 -39.86
CA GLU C 17 -14.61 -25.44 -39.35
C GLU C 17 -14.48 -24.99 -37.89
N LEU C 18 -13.56 -25.59 -37.14
CA LEU C 18 -13.41 -25.23 -35.73
C LEU C 18 -12.74 -23.88 -35.54
N PHE C 19 -11.99 -23.40 -36.52
CA PHE C 19 -11.18 -22.19 -36.38
C PHE C 19 -11.63 -21.10 -37.34
N THR C 20 -12.94 -21.04 -37.63
CA THR C 20 -13.48 -19.95 -38.44
C THR C 20 -13.72 -18.68 -37.63
N GLY C 21 -13.58 -18.74 -36.31
CA GLY C 21 -13.79 -17.57 -35.47
C GLY C 21 -12.95 -17.60 -34.22
N VAL C 22 -13.39 -16.87 -33.19
CA VAL C 22 -12.67 -16.81 -31.92
C VAL C 22 -12.90 -18.11 -31.15
N VAL C 23 -11.91 -18.50 -30.37
CA VAL C 23 -11.96 -19.74 -29.60
C VAL C 23 -11.35 -19.50 -28.22
N PRO C 24 -12.08 -19.72 -27.12
CA PRO C 24 -11.45 -19.59 -25.80
C PRO C 24 -10.29 -20.56 -25.67
N ILE C 25 -9.32 -20.19 -24.84
CA ILE C 25 -8.08 -20.96 -24.69
C ILE C 25 -7.79 -21.14 -23.20
N LEU C 26 -7.30 -22.33 -22.84
CA LEU C 26 -6.76 -22.59 -21.53
C LEU C 26 -5.35 -23.16 -21.68
N VAL C 27 -4.50 -22.85 -20.70
CA VAL C 27 -3.12 -23.33 -20.69
C VAL C 27 -2.75 -23.64 -19.26
N GLU C 28 -2.35 -24.88 -18.99
CA GLU C 28 -1.91 -25.32 -17.67
C GLU C 28 -0.54 -25.97 -17.82
N LEU C 29 0.33 -25.74 -16.83
CA LEU C 29 1.68 -26.28 -16.90
C LEU C 29 2.20 -26.55 -15.49
N ASP C 30 2.93 -27.66 -15.36
CA ASP C 30 3.68 -27.98 -14.15
C ASP C 30 5.12 -28.25 -14.57
N GLY C 31 6.08 -27.69 -13.81
CA GLY C 31 7.46 -27.74 -14.20
C GLY C 31 8.37 -28.11 -13.03
N ASP C 32 9.62 -28.41 -13.38
CA ASP C 32 10.66 -28.74 -12.42
C ASP C 32 12.01 -28.38 -13.02
N VAL C 33 12.77 -27.56 -12.30
CA VAL C 33 14.06 -27.09 -12.80
C VAL C 33 15.09 -27.13 -11.67
N ASN C 34 15.94 -28.15 -11.69
CA ASN C 34 16.97 -28.32 -10.66
C ASN C 34 16.34 -28.38 -9.27
N GLY C 35 15.30 -29.18 -9.14
CA GLY C 35 14.58 -29.31 -7.88
C GLY C 35 13.60 -28.19 -7.60
N HIS C 36 13.46 -27.21 -8.49
CA HIS C 36 12.53 -26.11 -8.33
C HIS C 36 11.25 -26.47 -9.09
N LYS C 37 10.29 -27.03 -8.37
CA LYS C 37 9.01 -27.41 -8.97
C LYS C 37 8.03 -26.23 -8.87
N PHE C 38 7.34 -25.96 -9.99
CA PHE C 38 6.38 -24.87 -10.05
C PHE C 38 5.24 -25.26 -10.98
N SER C 39 4.23 -24.40 -11.04
CA SER C 39 3.08 -24.62 -11.90
C SER C 39 2.52 -23.27 -12.31
N VAL C 40 2.12 -23.16 -13.57
CA VAL C 40 1.63 -21.90 -14.14
C VAL C 40 0.42 -22.20 -14.99
N SER C 41 -0.54 -21.28 -14.98
CA SER C 41 -1.75 -21.41 -15.78
C SER C 41 -2.11 -20.07 -16.39
N GLY C 42 -2.63 -20.11 -17.62
CA GLY C 42 -3.06 -18.91 -18.30
C GLY C 42 -4.26 -19.19 -19.17
N GLU C 43 -4.93 -18.12 -19.58
CA GLU C 43 -6.14 -18.24 -20.38
C GLU C 43 -6.26 -17.03 -21.29
N GLY C 44 -7.23 -17.10 -22.19
CA GLY C 44 -7.45 -16.04 -23.15
C GLY C 44 -8.27 -16.49 -24.34
N GLU C 45 -7.78 -16.21 -25.55
CA GLU C 45 -8.51 -16.59 -26.77
C GLU C 45 -7.61 -16.37 -27.97
N GLY C 46 -7.98 -17.02 -29.08
CA GLY C 46 -7.22 -16.90 -30.31
C GLY C 46 -8.16 -16.87 -31.51
N ASP C 47 -7.59 -16.45 -32.64
CA ASP C 47 -8.35 -16.31 -33.88
C ASP C 47 -7.43 -16.75 -35.02
N ALA C 48 -7.62 -17.98 -35.51
CA ALA C 48 -6.76 -18.51 -36.55
C ALA C 48 -6.88 -17.68 -37.83
N THR C 49 -8.05 -17.11 -38.10
CA THR C 49 -8.24 -16.30 -39.29
C THR C 49 -7.23 -15.15 -39.37
N TYR C 50 -6.69 -14.72 -38.24
CA TYR C 50 -5.74 -13.61 -38.19
C TYR C 50 -4.48 -13.96 -37.39
N GLY C 51 -4.34 -15.19 -36.92
CA GLY C 51 -3.15 -15.62 -36.22
C GLY C 51 -2.95 -14.95 -34.88
N LYS C 52 -3.94 -14.19 -34.42
CA LYS C 52 -3.78 -13.40 -33.21
C LYS C 52 -4.07 -14.23 -31.97
N LEU C 53 -3.22 -14.07 -30.95
CA LEU C 53 -3.37 -14.75 -29.67
C LEU C 53 -3.34 -13.71 -28.56
N THR C 54 -4.39 -13.70 -27.73
CA THR C 54 -4.50 -12.80 -26.59
C THR C 54 -4.55 -13.66 -25.33
N LEU C 55 -3.46 -13.68 -24.56
CA LEU C 55 -3.34 -14.57 -23.41
C LEU C 55 -2.80 -13.79 -22.21
N LYS C 56 -2.83 -14.46 -21.05
CA LYS C 56 -2.39 -13.86 -19.79
C LYS C 56 -2.11 -15.00 -18.82
N PHE C 57 -0.84 -15.18 -18.46
CA PHE C 57 -0.40 -16.31 -17.67
C PHE C 57 -0.11 -15.88 -16.24
N ILE C 58 -0.52 -16.71 -15.28
CA ILE C 58 -0.36 -16.43 -13.86
C ILE C 58 0.41 -17.57 -13.22
N CYS C 59 1.33 -17.23 -12.32
CA CYS C 59 2.08 -18.23 -11.57
C CYS C 59 1.39 -18.49 -10.24
N THR C 60 0.88 -19.71 -10.06
CA THR C 60 0.17 -20.08 -8.85
C THR C 60 1.10 -20.61 -7.75
N THR C 61 2.30 -21.04 -8.10
CA THR C 61 3.23 -21.63 -7.14
C THR C 61 4.24 -20.57 -6.69
N GLY C 62 3.73 -19.61 -5.93
CA GLY C 62 4.59 -18.53 -5.46
C GLY C 62 5.14 -17.73 -6.62
N LYS C 63 6.47 -17.57 -6.65
CA LYS C 63 7.15 -16.85 -7.71
C LYS C 63 7.84 -17.84 -8.64
N LEU C 64 8.03 -17.40 -9.89
CA LEU C 64 8.59 -18.28 -10.91
C LEU C 64 10.11 -18.28 -10.82
N PRO C 65 10.76 -19.43 -10.69
CA PRO C 65 12.22 -19.46 -10.61
C PRO C 65 12.94 -19.35 -11.95
N VAL C 66 12.20 -19.25 -13.05
CA VAL C 66 12.81 -19.09 -14.36
C VAL C 66 12.20 -17.86 -15.03
N PRO C 67 12.89 -17.32 -16.04
CA PRO C 67 12.35 -16.13 -16.71
C PRO C 67 11.19 -16.48 -17.62
N TRP C 68 10.18 -15.62 -17.63
CA TRP C 68 9.02 -15.83 -18.48
C TRP C 68 9.38 -16.04 -19.95
N PRO C 69 10.31 -15.31 -20.55
CA PRO C 69 10.64 -15.54 -21.96
C PRO C 69 10.99 -16.99 -22.29
N THR C 70 11.65 -17.70 -21.36
CA THR C 70 12.08 -19.06 -21.66
C THR C 70 10.91 -19.98 -21.93
N LEU C 71 9.75 -19.69 -21.35
CA LEU C 71 8.59 -20.58 -21.41
C LEU C 71 7.59 -20.16 -22.48
N VAL C 72 7.84 -19.09 -23.22
CA VAL C 72 6.86 -18.59 -24.18
C VAL C 72 6.51 -19.67 -25.19
N THR C 73 7.54 -20.29 -25.79
CA THR C 73 7.30 -21.33 -26.78
C THR C 73 6.53 -22.50 -26.17
N THR C 74 6.86 -22.85 -24.92
CA THR C 74 6.20 -23.96 -24.27
C THR C 74 4.71 -23.74 -24.16
N PHE C 75 4.31 -22.61 -23.57
CA PHE C 75 2.89 -22.29 -23.39
C PHE C 75 2.13 -22.41 -24.71
N VAL C 77 0.11 -23.92 -28.99
CA VAL C 77 -1.19 -23.82 -29.66
C VAL C 77 -1.01 -23.24 -31.05
N GLN C 78 -0.04 -23.78 -31.79
CA GLN C 78 0.26 -23.32 -33.14
C GLN C 78 -0.87 -23.61 -34.13
N CYS C 79 -1.95 -24.27 -33.70
CA CYS C 79 -3.11 -24.41 -34.56
C CYS C 79 -3.76 -23.08 -34.87
N PHE C 80 -3.52 -22.06 -34.04
CA PHE C 80 -4.02 -20.71 -34.29
C PHE C 80 -3.09 -19.92 -35.21
N SER C 81 -2.57 -20.53 -36.26
CA SER C 81 -1.69 -19.87 -37.20
C SER C 81 -2.43 -19.61 -38.51
N ARG C 82 -2.02 -18.55 -39.20
CA ARG C 82 -2.70 -18.11 -40.42
C ARG C 82 -2.12 -18.88 -41.61
N TYR C 83 -2.97 -19.68 -42.26
CA TYR C 83 -2.60 -20.43 -43.45
C TYR C 83 -3.36 -19.87 -44.64
N PRO C 84 -2.74 -19.04 -45.50
CA PRO C 84 -3.47 -18.46 -46.63
C PRO C 84 -4.15 -19.50 -47.51
N ASP C 85 -4.99 -19.05 -48.44
CA ASP C 85 -5.73 -19.97 -49.29
C ASP C 85 -4.81 -20.80 -50.17
N HIS C 86 -3.64 -20.28 -50.50
CA HIS C 86 -2.72 -21.00 -51.37
C HIS C 86 -1.96 -22.11 -50.65
N MET C 87 -2.18 -22.29 -49.35
CA MET C 87 -1.45 -23.33 -48.62
C MET C 87 -2.23 -23.79 -47.40
N LYS C 88 -3.53 -24.04 -47.56
CA LYS C 88 -4.28 -24.75 -46.53
C LYS C 88 -4.01 -26.25 -46.55
N ARG C 89 -3.53 -26.77 -47.68
CA ARG C 89 -3.19 -28.19 -47.78
C ARG C 89 -2.03 -28.56 -46.86
N HIS C 90 -1.26 -27.59 -46.39
CA HIS C 90 -0.11 -27.82 -45.54
C HIS C 90 -0.41 -27.54 -44.07
N ASP C 91 -1.67 -27.43 -43.70
CA ASP C 91 -2.06 -27.09 -42.33
C ASP C 91 -2.29 -28.37 -41.56
N PHE C 92 -1.23 -28.85 -40.89
CA PHE C 92 -1.33 -30.08 -40.10
C PHE C 92 -2.01 -29.82 -38.77
N PHE C 93 -1.67 -28.71 -38.11
CA PHE C 93 -2.19 -28.47 -36.76
C PHE C 93 -3.71 -28.49 -36.73
N LYS C 94 -4.35 -27.89 -37.73
CA LYS C 94 -5.80 -27.86 -37.76
C LYS C 94 -6.37 -29.24 -38.09
N SER C 95 -5.76 -29.94 -39.05
CA SER C 95 -6.26 -31.26 -39.44
C SER C 95 -6.29 -32.21 -38.25
N ALA C 96 -5.31 -32.12 -37.36
CA ALA C 96 -5.27 -33.00 -36.19
C ALA C 96 -6.44 -32.76 -35.26
N MET C 97 -7.12 -31.62 -35.37
CA MET C 97 -8.24 -31.29 -34.51
C MET C 97 -9.54 -31.85 -35.08
N PRO C 98 -10.56 -32.06 -34.23
CA PRO C 98 -10.59 -31.81 -32.79
C PRO C 98 -9.95 -32.92 -31.96
N GLU C 99 -9.39 -33.93 -32.63
CA GLU C 99 -8.81 -35.07 -31.92
C GLU C 99 -7.69 -34.61 -30.99
N GLY C 100 -6.77 -33.81 -31.51
CA GLY C 100 -5.65 -33.31 -30.75
C GLY C 100 -4.33 -33.82 -31.27
N TYR C 101 -3.26 -33.39 -30.61
CA TYR C 101 -1.91 -33.85 -30.94
C TYR C 101 -1.02 -33.65 -29.73
N VAL C 102 0.01 -34.49 -29.63
CA VAL C 102 0.99 -34.43 -28.55
C VAL C 102 2.21 -33.68 -29.05
N GLN C 103 2.64 -32.68 -28.30
CA GLN C 103 3.79 -31.86 -28.65
C GLN C 103 4.92 -32.12 -27.67
N GLU C 104 6.10 -32.46 -28.19
CA GLU C 104 7.28 -32.68 -27.39
C GLU C 104 8.44 -31.87 -27.94
N ARG C 105 9.25 -31.33 -27.04
CA ARG C 105 10.41 -30.52 -27.42
C ARG C 105 11.59 -30.87 -26.54
N THR C 106 12.77 -30.38 -26.94
CA THR C 106 13.99 -30.49 -26.15
C THR C 106 14.77 -29.19 -26.38
N ILE C 107 14.65 -28.25 -25.45
CA ILE C 107 15.22 -26.93 -25.60
C ILE C 107 16.66 -26.95 -25.07
N PHE C 108 17.61 -26.60 -25.93
CA PHE C 108 19.03 -26.59 -25.59
C PHE C 108 19.47 -25.14 -25.43
N PHE C 109 19.52 -24.67 -24.19
CA PHE C 109 20.10 -23.37 -23.88
C PHE C 109 21.62 -23.47 -23.96
N LYS C 110 22.22 -22.67 -24.84
CA LYS C 110 23.66 -22.74 -25.04
C LYS C 110 24.39 -22.39 -23.75
N ASP C 111 25.26 -23.30 -23.31
CA ASP C 111 26.07 -23.08 -22.10
C ASP C 111 25.17 -22.92 -20.87
N ASP C 112 24.20 -23.81 -20.73
CA ASP C 112 23.31 -23.83 -19.59
C ASP C 112 22.47 -25.11 -19.68
N GLY C 113 21.50 -25.25 -18.79
CA GLY C 113 20.68 -26.43 -18.75
C GLY C 113 19.81 -26.60 -19.97
N ASN C 114 18.78 -27.44 -19.87
CA ASN C 114 17.90 -27.72 -21.00
C ASN C 114 16.51 -28.07 -20.48
N TYR C 115 15.51 -27.76 -21.30
CA TYR C 115 14.12 -28.10 -21.01
C TYR C 115 13.67 -29.29 -21.84
N LYS C 116 12.75 -30.07 -21.28
CA LYS C 116 12.05 -31.12 -22.02
C LYS C 116 10.57 -31.00 -21.69
N THR C 117 9.75 -30.88 -22.73
CA THR C 117 8.32 -30.61 -22.56
C THR C 117 7.49 -31.71 -23.22
N ARG C 118 6.38 -32.05 -22.57
CA ARG C 118 5.34 -32.89 -23.16
C ARG C 118 4.02 -32.17 -22.99
N ALA C 119 3.26 -32.05 -24.08
CA ALA C 119 2.03 -31.26 -24.06
C ALA C 119 0.96 -31.96 -24.89
N GLU C 120 -0.27 -31.91 -24.40
CA GLU C 120 -1.44 -32.38 -25.12
C GLU C 120 -2.32 -31.19 -25.48
N VAL C 121 -2.66 -31.07 -26.76
CA VAL C 121 -3.45 -29.95 -27.27
C VAL C 121 -4.75 -30.55 -27.81
N LYS C 122 -5.82 -30.45 -27.03
CA LYS C 122 -7.12 -30.97 -27.42
C LYS C 122 -8.20 -30.02 -26.93
N PHE C 123 -9.41 -30.21 -27.45
CA PHE C 123 -10.57 -29.43 -27.04
C PHE C 123 -11.26 -30.09 -25.86
N GLU C 124 -11.53 -29.30 -24.82
CA GLU C 124 -12.28 -29.75 -23.65
C GLU C 124 -13.56 -28.92 -23.62
N GLY C 125 -14.55 -29.36 -24.39
CA GLY C 125 -15.76 -28.59 -24.59
C GLY C 125 -15.60 -27.66 -25.78
N ASP C 126 -15.90 -26.38 -25.58
CA ASP C 126 -15.59 -25.36 -26.57
C ASP C 126 -14.24 -24.71 -26.33
N THR C 127 -13.64 -24.91 -25.17
CA THR C 127 -12.33 -24.34 -24.83
C THR C 127 -11.22 -25.25 -25.35
N LEU C 128 -10.12 -24.63 -25.77
CA LEU C 128 -8.93 -25.34 -26.21
C LEU C 128 -7.90 -25.30 -25.09
N VAL C 129 -7.46 -26.47 -24.64
CA VAL C 129 -6.54 -26.58 -23.52
C VAL C 129 -5.17 -27.01 -24.03
N ASN C 130 -4.13 -26.55 -23.34
CA ASN C 130 -2.75 -26.92 -23.63
C ASN C 130 -2.11 -27.29 -22.29
N ARG C 131 -2.23 -28.56 -21.92
CA ARG C 131 -1.66 -29.07 -20.68
C ARG C 131 -0.24 -29.55 -20.93
N ILE C 132 0.68 -29.16 -20.05
CA ILE C 132 2.11 -29.29 -20.31
C ILE C 132 2.82 -29.84 -19.08
N GLU C 133 3.99 -30.41 -19.31
CA GLU C 133 4.90 -30.85 -18.25
C GLU C 133 6.31 -30.44 -18.62
N LEU C 134 7.00 -29.75 -17.71
CA LEU C 134 8.31 -29.16 -17.98
C LEU C 134 9.36 -29.80 -17.08
N LYS C 135 10.48 -30.20 -17.67
CA LYS C 135 11.58 -30.83 -16.95
C LYS C 135 12.86 -30.08 -17.24
N GLY C 136 13.50 -29.57 -16.19
CA GLY C 136 14.74 -28.82 -16.34
C GLY C 136 15.87 -29.37 -15.49
N ILE C 137 17.00 -29.70 -16.12
CA ILE C 137 18.14 -30.27 -15.43
C ILE C 137 19.41 -29.59 -15.95
N ASP C 138 20.44 -29.57 -15.10
CA ASP C 138 21.77 -29.09 -15.46
C ASP C 138 21.80 -27.58 -15.73
N PHE C 139 20.99 -26.82 -14.99
CA PHE C 139 21.01 -25.38 -15.09
C PHE C 139 21.96 -24.79 -14.05
N LYS C 140 22.76 -23.82 -14.48
CA LYS C 140 23.72 -23.19 -13.59
C LYS C 140 23.00 -22.27 -12.61
N GLU C 141 23.32 -22.42 -11.32
CA GLU C 141 22.58 -21.70 -10.28
C GLU C 141 22.62 -20.19 -10.51
N ASP C 142 23.77 -19.66 -10.92
CA ASP C 142 23.91 -18.24 -11.22
C ASP C 142 23.89 -17.97 -12.73
N GLY C 143 23.38 -18.91 -13.52
CA GLY C 143 23.27 -18.72 -14.94
C GLY C 143 22.25 -17.64 -15.27
N ASN C 144 22.00 -17.49 -16.57
CA ASN C 144 21.04 -16.49 -17.04
C ASN C 144 19.61 -16.87 -16.69
N ILE C 145 19.31 -18.16 -16.63
CA ILE C 145 17.96 -18.63 -16.35
C ILE C 145 17.68 -18.52 -14.86
N LEU C 146 18.37 -19.34 -14.06
CA LEU C 146 18.14 -19.36 -12.63
C LEU C 146 18.58 -18.08 -11.94
N GLY C 147 19.33 -17.21 -12.61
CA GLY C 147 19.75 -15.95 -12.03
C GLY C 147 18.85 -14.79 -12.43
N HIS C 148 17.89 -15.05 -13.32
CA HIS C 148 16.97 -14.02 -13.80
C HIS C 148 17.75 -12.83 -14.37
N LYS C 149 18.38 -13.09 -15.52
CA LYS C 149 19.16 -12.09 -16.23
C LYS C 149 18.60 -11.75 -17.60
N LEU C 150 17.48 -12.35 -18.00
CA LEU C 150 16.92 -12.14 -19.32
C LEU C 150 15.96 -10.95 -19.31
N GLU C 151 16.04 -10.14 -20.36
CA GLU C 151 15.16 -9.00 -20.51
C GLU C 151 13.72 -9.48 -20.69
N TYR C 152 12.79 -8.54 -20.52
CA TYR C 152 11.36 -8.85 -20.65
C TYR C 152 10.83 -8.39 -22.01
N ASN C 153 11.42 -8.96 -23.06
CA ASN C 153 10.94 -8.74 -24.41
C ASN C 153 11.26 -9.97 -25.24
N TYR C 154 10.58 -10.09 -26.38
CA TYR C 154 10.67 -11.26 -27.23
C TYR C 154 10.95 -10.83 -28.66
N ASN C 155 11.80 -11.57 -29.35
CA ASN C 155 12.17 -11.27 -30.72
C ASN C 155 11.25 -12.04 -31.68
N SER C 156 11.54 -11.96 -32.97
CA SER C 156 10.80 -12.68 -34.00
C SER C 156 11.65 -13.83 -34.54
N HIS C 157 10.97 -14.88 -35.00
CA HIS C 157 11.65 -16.08 -35.45
C HIS C 157 10.87 -16.71 -36.59
N ASN C 158 11.52 -17.61 -37.32
CA ASN C 158 10.91 -18.36 -38.41
C ASN C 158 11.00 -19.83 -38.08
N VAL C 159 9.84 -20.46 -37.90
CA VAL C 159 9.76 -21.88 -37.58
C VAL C 159 9.70 -22.67 -38.88
N TYR C 160 10.53 -23.71 -38.98
CA TYR C 160 10.61 -24.54 -40.17
C TYR C 160 9.95 -25.89 -39.88
N ILE C 161 9.13 -26.35 -40.83
CA ILE C 161 8.34 -27.56 -40.65
C ILE C 161 8.57 -28.48 -41.84
N MET C 162 8.60 -29.79 -41.57
CA MET C 162 8.73 -30.79 -42.63
C MET C 162 8.04 -32.06 -42.17
N ALA C 163 7.48 -32.78 -43.14
CA ALA C 163 6.66 -33.95 -42.84
C ALA C 163 7.50 -35.05 -42.18
N ASP C 164 6.80 -36.09 -41.72
CA ASP C 164 7.43 -37.27 -41.14
C ASP C 164 6.50 -38.46 -41.29
N LYS C 165 6.38 -38.97 -42.52
CA LYS C 165 5.40 -40.03 -42.79
C LYS C 165 5.62 -41.23 -41.89
N GLN C 166 6.87 -41.67 -41.74
CA GLN C 166 7.17 -42.87 -40.96
C GLN C 166 6.67 -42.77 -39.53
N LYS C 167 6.49 -41.55 -39.01
CA LYS C 167 5.93 -41.34 -37.68
C LYS C 167 4.53 -40.72 -37.74
N ASN C 168 4.05 -40.35 -38.93
CA ASN C 168 2.76 -39.71 -39.07
C ASN C 168 2.71 -38.42 -38.26
N GLY C 169 3.37 -37.37 -38.75
CA GLY C 169 3.41 -36.11 -38.04
C GLY C 169 4.29 -35.07 -38.74
N ILE C 170 4.95 -34.24 -37.95
CA ILE C 170 5.79 -33.17 -38.46
C ILE C 170 7.04 -33.06 -37.60
N LYS C 171 8.20 -32.88 -38.24
CA LYS C 171 9.46 -32.65 -37.56
C LYS C 171 9.78 -31.17 -37.65
N VAL C 172 9.71 -30.48 -36.51
CA VAL C 172 9.91 -29.05 -36.44
C VAL C 172 11.19 -28.77 -35.66
N ASN C 173 12.00 -27.84 -36.17
CA ASN C 173 13.25 -27.46 -35.54
C ASN C 173 13.49 -25.98 -35.76
N PHE C 174 13.86 -25.27 -34.70
CA PHE C 174 14.15 -23.84 -34.79
C PHE C 174 14.94 -23.42 -33.57
N LYS C 175 15.37 -22.16 -33.57
CA LYS C 175 16.18 -21.60 -32.50
C LYS C 175 15.65 -20.23 -32.10
N ILE C 176 15.59 -19.99 -30.79
CA ILE C 176 15.06 -18.74 -30.24
C ILE C 176 16.23 -17.87 -29.79
N ARG C 177 16.03 -16.56 -29.83
CA ARG C 177 17.03 -15.59 -29.39
C ARG C 177 16.49 -14.84 -28.19
N HIS C 178 17.07 -15.10 -27.02
CA HIS C 178 16.75 -14.37 -25.80
C HIS C 178 17.76 -13.26 -25.58
N ASN C 179 17.29 -12.13 -25.08
CA ASN C 179 18.13 -10.96 -24.83
C ASN C 179 18.43 -10.85 -23.35
N ILE C 180 19.71 -10.73 -23.02
CA ILE C 180 20.16 -10.64 -21.64
C ILE C 180 20.30 -9.16 -21.25
N GLU C 181 20.25 -8.90 -19.94
CA GLU C 181 20.31 -7.53 -19.45
C GLU C 181 21.67 -6.87 -19.65
N ASP C 182 22.72 -7.65 -19.92
CA ASP C 182 24.05 -7.08 -20.11
C ASP C 182 24.35 -6.71 -21.56
N GLY C 183 23.46 -7.02 -22.49
CA GLY C 183 23.66 -6.73 -23.89
C GLY C 183 24.08 -7.91 -24.74
N SER C 184 24.11 -9.12 -24.18
CA SER C 184 24.50 -10.32 -24.90
C SER C 184 23.26 -11.04 -25.42
N VAL C 185 23.47 -12.19 -26.04
CA VAL C 185 22.40 -12.99 -26.63
C VAL C 185 22.53 -14.43 -26.16
N GLN C 186 21.40 -15.03 -25.79
CA GLN C 186 21.34 -16.44 -25.40
C GLN C 186 20.53 -17.19 -26.44
N LEU C 187 21.03 -18.34 -26.86
CA LEU C 187 20.35 -19.19 -27.82
C LEU C 187 19.67 -20.35 -27.11
N ALA C 188 18.48 -20.71 -27.58
CA ALA C 188 17.73 -21.86 -27.08
C ALA C 188 17.28 -22.65 -28.30
N ASP C 189 18.00 -23.74 -28.60
CA ASP C 189 17.71 -24.54 -29.78
C ASP C 189 16.54 -25.47 -29.50
N HIS C 190 15.53 -25.44 -30.37
CA HIS C 190 14.29 -26.19 -30.18
C HIS C 190 14.25 -27.34 -31.17
N TYR C 191 14.28 -28.57 -30.65
CA TYR C 191 14.02 -29.77 -31.43
C TYR C 191 12.62 -30.25 -31.08
N GLN C 192 11.71 -30.19 -32.05
CA GLN C 192 10.29 -30.40 -31.80
C GLN C 192 9.73 -31.49 -32.69
N GLN C 193 8.76 -32.23 -32.15
CA GLN C 193 8.07 -33.28 -32.89
C GLN C 193 6.62 -33.31 -32.44
N ASN C 194 5.70 -33.37 -33.40
CA ASN C 194 4.27 -33.36 -33.13
C ASN C 194 3.62 -34.55 -33.82
N THR C 195 2.94 -35.38 -33.02
CA THR C 195 2.23 -36.53 -33.53
C THR C 195 0.78 -36.49 -33.05
N PRO C 196 -0.19 -36.77 -33.93
CA PRO C 196 -1.60 -36.65 -33.53
C PRO C 196 -2.02 -37.69 -32.51
N ILE C 197 -3.27 -37.62 -32.06
CA ILE C 197 -3.81 -38.56 -31.09
C ILE C 197 -4.97 -39.38 -31.65
N GLY C 198 -5.69 -38.89 -32.65
CA GLY C 198 -6.84 -39.59 -33.20
C GLY C 198 -6.49 -40.33 -34.48
N ASP C 199 -7.29 -41.37 -34.77
CA ASP C 199 -7.08 -42.17 -35.96
C ASP C 199 -7.45 -41.43 -37.24
N GLY C 200 -8.23 -40.36 -37.15
CA GLY C 200 -8.67 -39.63 -38.31
C GLY C 200 -7.51 -39.18 -39.17
N PRO C 201 -7.74 -39.05 -40.48
CA PRO C 201 -6.64 -38.67 -41.37
C PRO C 201 -6.14 -37.27 -41.07
N VAL C 202 -4.87 -37.03 -41.42
CA VAL C 202 -4.24 -35.74 -41.23
C VAL C 202 -3.58 -35.33 -42.53
N LEU C 203 -3.28 -34.03 -42.64
CA LEU C 203 -2.65 -33.46 -43.83
C LEU C 203 -1.17 -33.22 -43.52
N LEU C 204 -0.35 -34.21 -43.83
CA LEU C 204 1.08 -34.08 -43.65
C LEU C 204 1.60 -33.00 -44.60
N PRO C 205 2.28 -31.97 -44.11
CA PRO C 205 2.62 -30.84 -44.98
C PRO C 205 3.99 -30.94 -45.62
N ASP C 206 4.10 -30.29 -46.78
CA ASP C 206 5.40 -30.14 -47.43
C ASP C 206 6.29 -29.20 -46.63
N ASN C 207 7.54 -29.09 -47.06
CA ASN C 207 8.50 -28.22 -46.38
C ASN C 207 8.05 -26.76 -46.45
N HIS C 208 7.60 -26.21 -45.32
CA HIS C 208 7.18 -24.82 -45.24
C HIS C 208 7.66 -24.25 -43.91
N TYR C 209 7.51 -22.93 -43.75
CA TYR C 209 7.95 -22.25 -42.54
C TYR C 209 6.92 -21.21 -42.14
N LEU C 210 7.12 -20.63 -40.96
CA LEU C 210 6.23 -19.63 -40.38
C LEU C 210 7.02 -18.37 -40.04
N SER C 211 6.31 -17.37 -39.50
CA SER C 211 6.91 -16.11 -39.10
C SER C 211 6.08 -15.54 -37.96
N THR C 212 6.74 -15.21 -36.85
CA THR C 212 6.05 -14.90 -35.60
C THR C 212 6.39 -13.49 -35.12
N GLN C 213 5.40 -12.87 -34.46
CA GLN C 213 5.59 -11.64 -33.72
C GLN C 213 5.11 -11.84 -32.30
N SER C 214 5.71 -11.11 -31.37
CA SER C 214 5.36 -11.27 -29.96
C SER C 214 5.71 -9.98 -29.22
N ALA C 215 5.02 -9.77 -28.10
CA ALA C 215 5.30 -8.61 -27.24
C ALA C 215 4.72 -8.89 -25.87
N LEU C 216 5.56 -8.89 -24.85
CA LEU C 216 5.15 -9.23 -23.50
C LEU C 216 4.78 -7.97 -22.73
N SER C 217 3.82 -8.12 -21.81
CA SER C 217 3.25 -7.00 -21.07
C SER C 217 2.96 -7.43 -19.64
N LYS C 218 2.35 -6.52 -18.88
CA LYS C 218 1.96 -6.78 -17.50
C LYS C 218 0.57 -6.19 -17.25
N ASP C 219 0.08 -6.37 -16.03
CA ASP C 219 -1.25 -5.92 -15.64
C ASP C 219 -1.13 -5.19 -14.31
N PRO C 220 -1.48 -3.89 -14.25
CA PRO C 220 -1.26 -3.16 -12.98
C PRO C 220 -2.11 -3.65 -11.83
N ASN C 221 -3.18 -4.40 -12.09
CA ASN C 221 -4.08 -4.85 -11.02
C ASN C 221 -3.66 -6.19 -10.45
N GLU C 222 -3.24 -7.13 -11.28
CA GLU C 222 -2.88 -8.45 -10.80
C GLU C 222 -1.64 -8.38 -9.92
N LYS C 223 -1.76 -8.89 -8.69
CA LYS C 223 -0.68 -8.82 -7.71
C LYS C 223 0.25 -10.04 -7.74
N ARG C 224 -0.11 -11.08 -8.49
CA ARG C 224 0.70 -12.27 -8.58
C ARG C 224 1.66 -12.17 -9.75
N ASP C 225 2.85 -12.75 -9.59
CA ASP C 225 3.82 -12.81 -10.68
C ASP C 225 3.19 -13.42 -11.91
N HIS C 226 3.07 -12.63 -12.97
CA HIS C 226 2.24 -13.00 -14.12
C HIS C 226 2.98 -12.61 -15.39
N MET C 227 2.23 -12.59 -16.50
CA MET C 227 2.75 -12.18 -17.80
C MET C 227 1.57 -12.05 -18.75
N VAL C 228 1.67 -11.09 -19.67
CA VAL C 228 0.69 -10.91 -20.74
C VAL C 228 1.39 -11.13 -22.07
N LEU C 229 0.66 -11.67 -23.04
CA LEU C 229 1.23 -12.04 -24.32
C LEU C 229 0.31 -11.63 -25.46
N LEU C 230 0.93 -11.19 -26.56
CA LEU C 230 0.24 -10.90 -27.80
C LEU C 230 1.10 -11.43 -28.94
N GLU C 231 0.52 -12.29 -29.78
CA GLU C 231 1.28 -12.95 -30.84
C GLU C 231 0.55 -12.85 -32.18
N PHE C 232 1.35 -12.88 -33.24
CA PHE C 232 0.87 -12.98 -34.61
C PHE C 232 1.71 -14.02 -35.34
N VAL C 233 1.05 -14.99 -35.97
CA VAL C 233 1.73 -16.12 -36.60
C VAL C 233 1.12 -16.34 -37.98
N THR C 234 1.97 -16.53 -38.99
CA THR C 234 1.54 -16.74 -40.36
C THR C 234 2.52 -17.67 -41.06
N ALA C 235 2.01 -18.39 -42.06
CA ALA C 235 2.83 -19.27 -42.89
C ALA C 235 3.19 -18.57 -44.20
N ALA C 236 4.32 -18.97 -44.77
CA ALA C 236 4.80 -18.40 -46.02
C ALA C 236 5.86 -19.32 -46.59
N GLY C 237 6.44 -18.90 -47.72
CA GLY C 237 7.50 -19.64 -48.38
C GLY C 237 7.05 -20.46 -49.57
N ILE C 238 5.74 -20.57 -49.81
CA ILE C 238 5.20 -21.36 -50.91
C ILE C 238 4.06 -20.58 -51.54
N THR C 239 3.87 -20.76 -52.84
CA THR C 239 2.80 -20.10 -53.57
C THR C 239 1.76 -21.12 -54.03
#